data_5YYB
#
_entry.id   5YYB
#
_cell.length_a   134.413
_cell.length_b   70.125
_cell.length_c   113.081
_cell.angle_alpha   90.000
_cell.angle_beta   114.240
_cell.angle_gamma   90.000
#
_symmetry.space_group_name_H-M   'C 1 2 1'
#
loop_
_entity.id
_entity.type
_entity.pdbx_description
1 polymer 'Putative ABC transporter periplasmic binding protein'
2 non-polymer 'N-glycolyl-beta-neuraminic acid'
3 water water
#
_entity_poly.entity_id   1
_entity_poly.type   'polypeptide(L)'
_entity_poly.pdbx_seq_one_letter_code
;GSTIEAGIAYPISTGFDPLTSSGASS(MSE)AANLHIFEGLVDLHPVTRQPYLALAAKEPEQKDDLTYYISLREGA
(MSE)FHDGSPVTTEDVVYSFERVLDPAKASLFAQFIPFIASVTALDDNVVEFKLKYPFALFKERLTIIKIVPKHIVEAG
QSAFDAKPIGSGPYKFVSATKDDRIVFEANTVYNGHYPAKVEK(MSE)TWFLLSDDAARVTAQESGRVQAIESVPYLDAE
RLKRKNNVESVQSFGLLFL(MSE)FNCEKAPFDNPKVRQALHYALDKQKLIDIVFLGNAKAATSYLQDTHPDYVKASSQY
DYDKAKAEKLLAEAGITNLTFQLLATDHAWVKECAPLILESWNALSVVKVTLQHLQSGALYSAHVDKGAYEVVIAPGDPS
VFGNDLDLLLSWWYRGDVWPKRRFRWANTAEYHEVQKLLDEAIKNPAGSKVAWQKAINIIAEQVPLYPIIHRKLPTAWNT
KKLTDFQPLPTTGLSFLGVGRT
;
_entity_poly.pdbx_strand_id   A,B
#
# COMPACT_ATOMS: atom_id res chain seq x y z
N GLY A 1 -12.08 54.03 7.22
CA GLY A 1 -11.20 53.24 8.05
C GLY A 1 -11.23 51.74 7.72
N SER A 2 -10.70 51.41 6.54
CA SER A 2 -10.79 50.05 6.03
C SER A 2 -9.67 49.18 6.58
N THR A 3 -10.01 47.93 6.89
CA THR A 3 -9.08 47.00 7.48
C THR A 3 -9.13 45.69 6.71
N ILE A 4 -8.12 44.84 6.94
CA ILE A 4 -8.09 43.49 6.39
C ILE A 4 -7.90 42.49 7.54
N GLU A 5 -8.59 41.36 7.47
CA GLU A 5 -8.47 40.30 8.47
C GLU A 5 -8.28 38.97 7.78
N ALA A 6 -7.25 38.23 8.17
CA ALA A 6 -6.87 37.03 7.46
C ALA A 6 -6.66 35.90 8.46
N GLY A 7 -7.00 34.69 8.04
CA GLY A 7 -6.70 33.51 8.82
C GLY A 7 -5.46 32.80 8.32
N ILE A 8 -4.41 32.85 9.14
CA ILE A 8 -3.12 32.22 8.85
C ILE A 8 -3.08 30.84 9.49
N ALA A 9 -2.34 29.91 8.84
CA ALA A 9 -2.32 28.51 9.22
C ALA A 9 -1.06 28.04 9.94
N TYR A 10 0.08 28.73 9.77
CA TYR A 10 1.30 28.33 10.48
C TYR A 10 1.45 29.11 11.77
N PRO A 11 1.66 28.46 12.92
CA PRO A 11 1.95 29.22 14.13
C PRO A 11 3.29 29.93 13.99
N ILE A 12 3.51 30.91 14.87
CA ILE A 12 4.80 31.58 14.93
C ILE A 12 5.85 30.63 15.50
N SER A 13 6.84 30.29 14.69
CA SER A 13 7.85 29.30 15.02
C SER A 13 9.26 29.89 14.96
N THR A 14 9.39 31.14 14.51
CA THR A 14 10.64 31.89 14.59
C THR A 14 10.32 33.36 14.84
N GLY A 15 11.35 34.13 15.17
CA GLY A 15 11.22 35.56 15.19
C GLY A 15 11.09 36.12 13.78
N PHE A 16 11.15 37.44 13.70
CA PHE A 16 11.01 38.16 12.43
C PHE A 16 12.32 38.72 11.89
N ASP A 17 13.44 38.54 12.58
CA ASP A 17 14.72 39.00 12.05
C ASP A 17 15.06 38.23 10.77
N PRO A 18 15.23 38.90 9.64
CA PRO A 18 15.51 38.17 8.38
C PRO A 18 16.83 37.43 8.38
N LEU A 19 17.74 37.71 9.31
CA LEU A 19 18.92 36.87 9.48
C LEU A 19 18.57 35.40 9.67
N THR A 20 17.40 35.12 10.25
CA THR A 20 17.11 33.77 10.72
C THR A 20 15.62 33.44 10.65
N SER A 21 14.79 34.27 10.02
CA SER A 21 13.33 34.11 10.11
C SER A 21 12.81 33.11 9.07
N SER A 22 13.09 31.83 9.32
CA SER A 22 12.71 30.79 8.39
C SER A 22 11.26 30.29 8.55
N GLY A 23 10.58 30.59 9.65
CA GLY A 23 9.22 30.09 9.81
C GLY A 23 8.23 30.76 8.86
N ALA A 24 7.29 29.97 8.35
CA ALA A 24 6.42 30.45 7.26
C ALA A 24 5.72 31.75 7.61
N SER A 25 4.97 31.77 8.73
CA SER A 25 4.25 32.99 9.08
C SER A 25 5.18 34.17 9.26
N SER A 26 6.39 33.93 9.76
CA SER A 26 7.35 35.02 9.87
C SER A 26 7.74 35.55 8.49
N ALA A 28 6.11 35.29 5.77
CA ALA A 28 4.97 35.92 5.14
C ALA A 28 4.75 37.33 5.71
N ALA A 29 4.98 37.51 7.01
CA ALA A 29 4.94 38.84 7.58
C ALA A 29 6.05 39.73 7.00
N ASN A 30 7.23 39.16 6.75
CA ASN A 30 8.34 40.01 6.35
C ASN A 30 8.25 40.48 4.91
N LEU A 31 7.48 39.80 4.04
CA LEU A 31 7.26 40.33 2.71
C LEU A 31 6.59 41.70 2.78
N HIS A 32 5.82 41.96 3.86
CA HIS A 32 5.11 43.21 4.04
C HIS A 32 5.90 44.22 4.86
N ILE A 33 6.86 43.76 5.66
CA ILE A 33 7.55 44.58 6.66
C ILE A 33 8.90 45.03 6.11
N PHE A 34 9.53 44.21 5.27
CA PHE A 34 10.87 44.51 4.76
C PHE A 34 10.90 44.59 3.23
N GLU A 35 11.99 45.16 2.73
CA GLU A 35 12.28 45.19 1.30
C GLU A 35 13.71 44.73 1.07
N GLY A 36 13.88 43.86 0.07
CA GLY A 36 15.18 43.70 -0.57
C GLY A 36 15.46 44.89 -1.46
N LEU A 37 16.66 44.94 -2.02
CA LEU A 37 16.91 45.96 -3.05
C LEU A 37 16.01 45.71 -4.26
N VAL A 38 15.92 44.47 -4.71
CA VAL A 38 14.89 43.99 -5.63
C VAL A 38 14.10 42.90 -4.93
N ASP A 39 12.81 42.86 -5.17
CA ASP A 39 12.00 41.82 -4.57
C ASP A 39 11.34 40.99 -5.66
N LEU A 40 10.91 39.79 -5.28
CA LEU A 40 10.10 38.93 -6.13
C LEU A 40 8.63 39.14 -5.75
N HIS A 41 7.76 39.11 -6.74
CA HIS A 41 6.35 39.27 -6.45
C HIS A 41 5.80 37.99 -5.84
N PRO A 42 5.15 38.06 -4.69
CA PRO A 42 4.76 36.80 -4.03
C PRO A 42 3.89 35.91 -4.93
N VAL A 43 3.14 36.47 -5.86
CA VAL A 43 2.34 35.61 -6.74
C VAL A 43 3.14 35.22 -7.99
N THR A 44 3.51 36.21 -8.82
CA THR A 44 4.12 35.97 -10.13
C THR A 44 5.59 35.59 -10.05
N ARG A 45 6.24 35.80 -8.90
CA ARG A 45 7.67 35.59 -8.68
C ARG A 45 8.54 36.43 -9.61
N GLN A 46 7.96 37.44 -10.31
CA GLN A 46 8.74 38.36 -11.14
C GLN A 46 9.42 39.42 -10.27
N PRO A 47 10.63 39.86 -10.63
CA PRO A 47 11.32 40.87 -9.83
C PRO A 47 10.85 42.27 -10.13
N TYR A 48 10.91 43.13 -9.10
CA TYR A 48 10.57 44.54 -9.23
C TYR A 48 11.50 45.38 -8.37
N LEU A 49 11.68 46.63 -8.76
CA LEU A 49 12.54 47.51 -7.99
C LEU A 49 11.89 47.82 -6.66
N ALA A 50 12.66 47.68 -5.57
CA ALA A 50 12.15 47.96 -4.24
C ALA A 50 13.00 49.06 -3.62
N LEU A 51 14.04 48.73 -2.88
CA LEU A 51 14.92 49.79 -2.44
C LEU A 51 15.83 50.27 -3.56
N ALA A 52 16.14 49.41 -4.53
CA ALA A 52 16.88 49.82 -5.73
C ALA A 52 16.19 50.98 -6.43
N ALA A 53 16.91 52.09 -6.60
CA ALA A 53 16.30 53.27 -7.20
C ALA A 53 16.04 53.08 -8.70
N LYS A 54 16.87 52.27 -9.35
CA LYS A 54 16.76 51.95 -10.77
C LYS A 54 17.39 50.58 -10.99
N GLU A 55 17.34 50.11 -12.22
CA GLU A 55 17.92 48.80 -12.52
C GLU A 55 19.42 48.82 -12.19
N PRO A 56 19.90 47.84 -11.42
CA PRO A 56 21.35 47.74 -11.17
C PRO A 56 22.17 47.89 -12.44
N GLU A 57 23.11 48.83 -12.43
CA GLU A 57 24.03 49.02 -13.55
C GLU A 57 25.24 48.11 -13.38
N GLN A 58 25.43 47.19 -14.32
CA GLN A 58 26.52 46.23 -14.25
C GLN A 58 27.74 46.85 -14.93
N LYS A 59 28.69 47.34 -14.14
CA LYS A 59 29.93 47.85 -14.70
C LYS A 59 30.63 46.80 -15.55
N ASP A 60 30.84 45.60 -14.99
CA ASP A 60 31.43 44.49 -15.72
C ASP A 60 30.87 43.19 -15.15
N ASP A 61 31.46 42.06 -15.57
CA ASP A 61 30.92 40.75 -15.24
C ASP A 61 30.84 40.50 -13.74
N LEU A 62 31.70 41.16 -12.96
CA LEU A 62 31.76 40.90 -11.53
C LEU A 62 31.31 42.08 -10.68
N THR A 63 30.83 43.16 -11.28
CA THR A 63 30.67 44.40 -10.52
C THR A 63 29.35 45.07 -10.87
N TYR A 64 28.58 45.40 -9.84
CA TYR A 64 27.28 46.02 -9.99
C TYR A 64 27.18 47.21 -9.05
N TYR A 65 26.66 48.31 -9.55
CA TYR A 65 26.35 49.49 -8.74
C TYR A 65 24.84 49.60 -8.62
N ILE A 66 24.36 49.78 -7.39
CA ILE A 66 22.94 49.87 -7.09
C ILE A 66 22.69 51.15 -6.30
N SER A 67 21.63 51.89 -6.67
CA SER A 67 21.31 53.18 -6.06
C SER A 67 20.02 53.08 -5.24
N LEU A 68 20.00 53.84 -4.14
CA LEU A 68 18.89 53.81 -3.19
C LEU A 68 17.74 54.72 -3.62
N ARG A 69 16.51 54.23 -3.39
CA ARG A 69 15.29 54.98 -3.64
C ARG A 69 15.24 56.26 -2.80
N GLU A 70 15.22 57.40 -3.48
CA GLU A 70 15.12 58.71 -2.84
C GLU A 70 14.04 58.73 -1.77
N GLY A 71 14.38 59.25 -0.59
CA GLY A 71 13.42 59.35 0.49
C GLY A 71 13.10 58.05 1.21
N ALA A 72 13.92 57.01 1.07
CA ALA A 72 13.57 55.73 1.69
C ALA A 72 13.71 55.82 3.21
N PHE A 74 12.99 53.81 7.25
CA PHE A 74 12.61 52.73 8.13
C PHE A 74 11.43 53.14 8.99
N HIS A 75 10.80 52.16 9.63
CA HIS A 75 9.55 52.47 10.31
C HIS A 75 9.76 53.36 11.52
N ASP A 76 10.98 53.49 12.00
CA ASP A 76 11.26 54.34 13.14
C ASP A 76 11.53 55.78 12.75
N GLY A 77 11.37 56.14 11.48
CA GLY A 77 11.63 57.48 11.03
C GLY A 77 12.98 57.68 10.38
N SER A 78 14.02 56.96 10.81
CA SER A 78 15.34 57.16 10.23
C SER A 78 15.33 56.88 8.73
N PRO A 79 16.30 57.41 7.99
CA PRO A 79 16.42 57.07 6.58
C PRO A 79 17.14 55.76 6.38
N VAL A 80 16.74 55.03 5.34
CA VAL A 80 17.55 53.92 4.85
C VAL A 80 18.83 54.50 4.25
N THR A 81 19.96 54.09 4.79
CA THR A 81 21.27 54.58 4.38
C THR A 81 22.03 53.44 3.73
N THR A 82 23.10 53.80 3.01
CA THR A 82 23.89 52.78 2.33
C THR A 82 24.66 51.93 3.35
N GLU A 83 24.99 52.49 4.50
CA GLU A 83 25.59 51.67 5.55
C GLU A 83 24.66 50.54 5.96
N ASP A 84 23.35 50.81 6.03
CA ASP A 84 22.40 49.75 6.38
C ASP A 84 22.45 48.61 5.38
N VAL A 85 22.48 48.94 4.08
CA VAL A 85 22.53 47.91 3.06
C VAL A 85 23.77 47.03 3.25
N VAL A 86 24.92 47.66 3.49
CA VAL A 86 26.16 46.89 3.67
C VAL A 86 26.07 46.02 4.93
N TYR A 87 25.60 46.60 6.04
CA TYR A 87 25.45 45.81 7.25
C TYR A 87 24.53 44.62 7.01
N SER A 88 23.48 44.79 6.19
CA SER A 88 22.52 43.72 6.00
C SER A 88 23.16 42.49 5.35
N PHE A 89 24.02 42.71 4.35
CA PHE A 89 24.74 41.64 3.66
C PHE A 89 25.89 41.08 4.49
N GLU A 90 26.66 41.95 5.15
CA GLU A 90 27.80 41.47 5.93
C GLU A 90 27.35 40.60 7.09
N ARG A 91 26.18 40.88 7.67
CA ARG A 91 25.71 40.08 8.80
C ARG A 91 25.19 38.71 8.35
N VAL A 92 24.51 38.63 7.20
CA VAL A 92 24.17 37.30 6.68
C VAL A 92 25.45 36.53 6.35
N LEU A 93 26.40 37.19 5.68
CA LEU A 93 27.64 36.52 5.31
C LEU A 93 28.53 36.18 6.51
N ASP A 94 28.31 36.79 7.68
CA ASP A 94 29.21 36.60 8.81
C ASP A 94 28.94 35.29 9.53
N PRO A 95 29.87 34.33 9.51
CA PRO A 95 29.56 33.03 10.12
C PRO A 95 29.33 33.12 11.61
N ALA A 96 29.89 34.12 12.28
CA ALA A 96 29.67 34.23 13.72
C ALA A 96 28.24 34.62 14.05
N LYS A 97 27.48 35.12 13.08
CA LYS A 97 26.11 35.59 13.26
C LYS A 97 25.05 34.51 13.07
N ALA A 98 25.40 33.38 12.44
CA ALA A 98 24.55 32.18 12.44
C ALA A 98 23.29 32.36 11.58
N SER A 99 23.43 33.03 10.45
CA SER A 99 22.29 33.19 9.57
C SER A 99 21.90 31.85 8.96
N LEU A 100 20.62 31.73 8.62
CA LEU A 100 20.12 30.57 7.90
C LEU A 100 20.20 30.73 6.39
N PHE A 101 20.81 31.81 5.88
CA PHE A 101 20.58 32.09 4.47
C PHE A 101 21.84 32.48 3.69
N ALA A 102 23.05 32.32 4.24
CA ALA A 102 24.23 32.69 3.47
C ALA A 102 24.44 31.79 2.25
N GLN A 103 23.96 30.54 2.29
CA GLN A 103 24.10 29.67 1.14
C GLN A 103 23.18 30.05 -0.03
N PHE A 104 22.41 31.13 0.11
CA PHE A 104 21.69 31.75 -1.00
C PHE A 104 22.46 32.90 -1.66
N ILE A 105 23.59 33.32 -1.10
CA ILE A 105 24.43 34.33 -1.78
C ILE A 105 25.89 33.90 -1.77
N PRO A 106 26.22 32.70 -2.24
CA PRO A 106 27.62 32.26 -2.27
C PRO A 106 28.46 32.96 -3.32
N PHE A 107 27.85 33.67 -4.27
CA PHE A 107 28.56 34.35 -5.35
C PHE A 107 29.04 35.74 -4.96
N ILE A 108 28.76 36.19 -3.75
CA ILE A 108 29.00 37.58 -3.37
C ILE A 108 30.34 37.70 -2.66
N ALA A 109 31.21 38.55 -3.19
CA ALA A 109 32.55 38.78 -2.66
C ALA A 109 32.63 40.01 -1.77
N SER A 110 31.91 41.08 -2.10
CA SER A 110 31.95 42.24 -1.22
C SER A 110 30.81 43.16 -1.55
N VAL A 111 30.37 43.90 -0.54
CA VAL A 111 29.27 44.84 -0.63
C VAL A 111 29.76 46.12 0.02
N THR A 112 30.14 47.11 -0.78
CA THR A 112 30.79 48.31 -0.28
C THR A 112 29.98 49.54 -0.64
N ALA A 113 29.80 50.44 0.31
CA ALA A 113 29.14 51.70 0.02
C ALA A 113 30.16 52.65 -0.61
N LEU A 114 29.75 53.29 -1.71
CA LEU A 114 30.58 54.31 -2.35
C LEU A 114 30.21 55.71 -1.92
N ASP A 115 28.98 55.94 -1.46
CA ASP A 115 28.57 57.22 -0.87
C ASP A 115 27.18 57.11 -0.28
N ASP A 116 26.54 58.26 -0.03
CA ASP A 116 25.22 58.28 0.59
C ASP A 116 24.16 57.56 -0.23
N ASN A 117 24.42 57.23 -1.49
CA ASN A 117 23.37 56.67 -2.32
C ASN A 117 23.72 55.37 -3.01
N VAL A 118 24.99 55.05 -3.21
CA VAL A 118 25.39 54.02 -4.16
C VAL A 118 26.21 52.95 -3.47
N VAL A 119 25.97 51.69 -3.85
CA VAL A 119 26.60 50.53 -3.25
C VAL A 119 27.21 49.67 -4.35
N GLU A 120 28.48 49.33 -4.19
CA GLU A 120 29.16 48.47 -5.13
C GLU A 120 29.05 47.02 -4.68
N PHE A 121 28.64 46.15 -5.59
CA PHE A 121 28.52 44.72 -5.35
C PHE A 121 29.57 44.02 -6.18
N LYS A 122 30.52 43.39 -5.50
CA LYS A 122 31.61 42.65 -6.13
C LYS A 122 31.34 41.14 -6.02
N LEU A 123 31.25 40.44 -7.17
CA LEU A 123 30.97 39.01 -7.22
C LEU A 123 32.24 38.17 -7.41
N LYS A 124 32.23 36.97 -6.82
CA LYS A 124 33.33 36.03 -6.98
C LYS A 124 33.38 35.42 -8.36
N TYR A 125 32.26 35.39 -9.09
CA TYR A 125 32.19 34.93 -10.47
C TYR A 125 30.90 35.47 -11.08
N PRO A 126 30.79 35.48 -12.40
CA PRO A 126 29.53 35.91 -13.02
C PRO A 126 28.38 35.02 -12.58
N PHE A 127 27.27 35.65 -12.23
CA PHE A 127 26.08 34.94 -11.76
C PHE A 127 24.86 35.64 -12.34
N ALA A 128 24.12 34.91 -13.19
CA ALA A 128 23.09 35.54 -14.01
C ALA A 128 21.92 36.06 -13.18
N LEU A 129 21.63 35.39 -12.06
CA LEU A 129 20.43 35.64 -11.29
C LEU A 129 20.66 36.63 -10.16
N PHE A 130 21.64 37.52 -10.31
CA PHE A 130 22.05 38.40 -9.22
C PHE A 130 20.90 39.29 -8.77
N LYS A 131 20.16 39.87 -9.73
CA LYS A 131 18.98 40.65 -9.34
C LYS A 131 18.00 39.77 -8.59
N GLU A 132 17.75 38.56 -9.10
CA GLU A 132 16.68 37.73 -8.54
C GLU A 132 16.90 37.41 -7.06
N ARG A 133 18.15 37.23 -6.64
CA ARG A 133 18.42 36.80 -5.28
C ARG A 133 18.39 37.93 -4.28
N LEU A 134 18.32 39.19 -4.74
CA LEU A 134 18.38 40.28 -3.78
C LEU A 134 17.17 40.28 -2.86
N THR A 135 16.09 39.59 -3.23
CA THR A 135 14.89 39.58 -2.41
C THR A 135 15.07 38.83 -1.11
N ILE A 136 16.09 37.96 -1.03
CA ILE A 136 16.38 37.21 0.18
C ILE A 136 16.99 38.09 1.25
N ILE A 137 17.84 39.05 0.86
CA ILE A 137 18.53 39.90 1.83
C ILE A 137 17.70 41.16 2.05
N LYS A 138 16.86 41.14 3.08
CA LYS A 138 16.13 42.35 3.46
C LYS A 138 17.08 43.38 4.10
N ILE A 139 16.79 44.63 3.86
CA ILE A 139 17.58 45.73 4.39
C ILE A 139 17.06 46.06 5.79
N VAL A 140 17.96 46.05 6.77
CA VAL A 140 17.57 46.16 8.18
C VAL A 140 18.25 47.37 8.81
N PRO A 141 17.63 47.99 9.80
CA PRO A 141 18.24 49.18 10.41
C PRO A 141 19.39 48.85 11.34
N LYS A 142 20.62 49.08 10.87
CA LYS A 142 21.77 48.76 11.69
C LYS A 142 21.60 49.28 13.12
N HIS A 143 21.29 50.57 13.27
CA HIS A 143 21.31 51.21 14.59
C HIS A 143 20.30 50.61 15.56
N ILE A 144 19.22 50.00 15.07
CA ILE A 144 18.30 49.23 15.91
C ILE A 144 18.78 47.81 16.11
N VAL A 145 19.32 47.17 15.07
CA VAL A 145 19.73 45.79 15.24
C VAL A 145 20.89 45.68 16.23
N GLU A 146 21.74 46.71 16.32
CA GLU A 146 22.89 46.67 17.21
C GLU A 146 22.57 47.09 18.64
N ALA A 147 21.48 47.79 18.87
CA ALA A 147 21.04 47.96 20.24
C ALA A 147 20.49 46.67 20.86
N GLY A 148 20.38 45.57 20.13
CA GLY A 148 19.85 44.34 20.71
C GLY A 148 19.08 43.47 19.73
N GLN A 149 19.75 42.43 19.22
CA GLN A 149 19.17 41.66 18.13
C GLN A 149 17.86 40.99 18.54
N SER A 150 17.77 40.48 19.77
CA SER A 150 16.55 39.74 20.12
C SER A 150 15.38 40.69 20.31
N ALA A 151 15.63 41.94 20.66
CA ALA A 151 14.54 42.89 20.67
C ALA A 151 14.08 43.20 19.26
N PHE A 152 15.00 43.21 18.28
CA PHE A 152 14.61 43.45 16.89
C PHE A 152 13.90 42.22 16.34
N ASP A 153 14.33 41.04 16.76
CA ASP A 153 13.69 39.81 16.33
C ASP A 153 12.22 39.77 16.72
N ALA A 154 11.85 40.38 17.85
CA ALA A 154 10.48 40.37 18.36
C ALA A 154 9.66 41.59 17.97
N LYS A 155 10.32 42.67 17.54
CA LYS A 155 9.64 43.91 17.15
C LYS A 155 10.32 44.43 15.88
N PRO A 156 10.11 43.75 14.75
CA PRO A 156 10.86 44.08 13.53
C PRO A 156 10.57 45.47 12.98
N ILE A 157 11.66 46.20 12.67
CA ILE A 157 11.60 47.52 12.04
C ILE A 157 12.08 47.40 10.60
N GLY A 158 11.23 47.79 9.66
CA GLY A 158 11.62 47.71 8.26
C GLY A 158 11.25 48.95 7.45
N SER A 159 11.31 48.81 6.13
CA SER A 159 10.92 49.89 5.23
C SER A 159 9.76 49.50 4.33
N GLY A 160 9.15 48.34 4.55
CA GLY A 160 8.06 47.85 3.74
C GLY A 160 6.79 48.67 3.93
N PRO A 161 5.77 48.40 3.12
CA PRO A 161 4.56 49.22 3.17
C PRO A 161 3.69 48.99 4.38
N TYR A 162 4.02 48.05 5.26
CA TYR A 162 3.29 47.88 6.52
C TYR A 162 4.27 47.89 7.68
N LYS A 163 3.89 48.51 8.79
CA LYS A 163 4.74 48.39 9.98
C LYS A 163 4.15 47.37 10.97
N PHE A 164 5.05 46.68 11.64
CA PHE A 164 4.69 45.74 12.69
C PHE A 164 4.19 46.48 13.93
N VAL A 165 3.12 45.95 14.51
CA VAL A 165 2.52 46.52 15.72
C VAL A 165 2.72 45.59 16.92
N SER A 166 2.44 44.30 16.76
CA SER A 166 2.46 43.36 17.88
C SER A 166 2.22 41.95 17.34
N ALA A 167 2.67 40.96 18.12
CA ALA A 167 2.45 39.56 17.79
C ALA A 167 2.32 38.73 19.07
N THR A 168 1.30 37.87 19.10
CA THR A 168 0.94 37.11 20.30
C THR A 168 0.67 35.66 19.91
N LYS A 169 1.55 34.74 20.32
CA LYS A 169 1.38 33.35 19.89
C LYS A 169 -0.01 32.84 20.21
N ASP A 170 -0.57 32.10 19.25
CA ASP A 170 -1.92 31.58 19.25
C ASP A 170 -2.96 32.65 19.01
N ASP A 171 -2.55 33.91 18.85
CA ASP A 171 -3.53 34.99 18.75
C ASP A 171 -3.38 35.63 17.38
N ARG A 172 -2.55 36.65 17.22
CA ARG A 172 -2.63 37.42 16.00
C ARG A 172 -1.33 38.20 15.79
N ILE A 173 -1.06 38.51 14.55
CA ILE A 173 -0.04 39.46 14.16
C ILE A 173 -0.79 40.67 13.65
N VAL A 174 -0.31 41.87 13.98
CA VAL A 174 -1.02 43.10 13.67
C VAL A 174 -0.08 44.01 12.91
N PHE A 175 -0.60 44.64 11.86
CA PHE A 175 0.18 45.61 11.12
C PHE A 175 -0.64 46.87 10.94
N GLU A 176 0.06 47.97 10.68
CA GLU A 176 -0.59 49.18 10.23
C GLU A 176 0.17 49.73 9.02
N ALA A 177 -0.56 50.51 8.23
CA ALA A 177 -0.02 51.14 7.04
C ALA A 177 1.21 51.97 7.36
N ASN A 178 2.19 51.90 6.48
CA ASN A 178 3.36 52.76 6.55
C ASN A 178 3.16 53.93 5.58
N THR A 179 2.84 55.11 6.10
CA THR A 179 2.42 56.22 5.23
C THR A 179 3.57 56.99 4.57
N VAL A 180 4.85 56.70 4.89
CA VAL A 180 5.96 57.31 4.17
C VAL A 180 6.58 56.37 3.14
N TYR A 181 6.13 55.12 3.07
CA TYR A 181 6.63 54.21 2.04
C TYR A 181 6.35 54.76 0.64
N ASN A 182 7.36 54.77 -0.21
CA ASN A 182 7.23 55.33 -1.56
C ASN A 182 7.67 54.31 -2.61
N GLY A 183 7.37 53.04 -2.40
CA GLY A 183 7.67 51.98 -3.34
C GLY A 183 6.51 51.72 -4.28
N HIS A 184 6.53 50.55 -4.91
CA HIS A 184 5.51 50.20 -5.89
C HIS A 184 4.24 49.62 -5.28
N TYR A 185 4.27 49.16 -4.04
CA TYR A 185 3.12 48.47 -3.45
C TYR A 185 2.71 49.12 -2.14
N PRO A 186 2.24 50.36 -2.20
CA PRO A 186 1.79 51.03 -0.98
C PRO A 186 0.66 50.25 -0.33
N ALA A 187 0.51 50.43 0.97
CA ALA A 187 -0.55 49.74 1.68
C ALA A 187 -1.91 50.27 1.26
N LYS A 188 -2.83 49.38 0.88
CA LYS A 188 -4.16 49.80 0.47
C LYS A 188 -5.19 49.73 1.60
N VAL A 189 -4.80 49.36 2.82
CA VAL A 189 -5.69 49.45 3.98
C VAL A 189 -4.92 50.00 5.16
N GLU A 190 -5.65 50.37 6.21
CA GLU A 190 -5.01 51.01 7.37
C GLU A 190 -4.51 49.97 8.37
N LYS A 191 -5.37 49.05 8.76
CA LYS A 191 -5.09 48.06 9.76
C LYS A 191 -5.20 46.70 9.12
N THR A 193 -4.87 42.58 10.32
CA THR A 193 -4.75 41.62 11.41
C THR A 193 -4.72 40.20 10.85
N TRP A 194 -3.71 39.45 11.25
CA TRP A 194 -3.59 38.04 10.86
C TRP A 194 -3.88 37.19 12.10
N PHE A 195 -5.07 36.63 12.16
CA PHE A 195 -5.37 35.65 13.20
C PHE A 195 -4.58 34.37 13.00
N LEU A 196 -3.89 33.93 14.06
CA LEU A 196 -3.11 32.68 14.07
C LEU A 196 -4.04 31.54 14.43
N LEU A 197 -4.63 30.91 13.41
CA LEU A 197 -5.60 29.82 13.57
C LEU A 197 -5.02 28.54 12.98
N SER A 198 -4.05 27.93 13.67
CA SER A 198 -3.51 26.65 13.22
C SER A 198 -4.47 25.47 13.37
N ASP A 199 -5.61 25.62 14.02
CA ASP A 199 -6.56 24.52 14.09
C ASP A 199 -7.45 24.61 12.86
N ASP A 200 -7.50 23.51 12.10
CA ASP A 200 -8.28 23.46 10.86
C ASP A 200 -9.73 23.91 11.05
N ALA A 201 -10.43 23.31 12.01
CA ALA A 201 -11.82 23.69 12.20
C ALA A 201 -11.93 25.19 12.43
N ALA A 202 -11.08 25.74 13.31
CA ALA A 202 -11.15 27.17 13.60
C ALA A 202 -10.84 28.00 12.37
N ARG A 203 -9.85 27.58 11.57
CA ARG A 203 -9.52 28.34 10.37
C ARG A 203 -10.73 28.40 9.45
N VAL A 204 -11.32 27.24 9.15
CA VAL A 204 -12.49 27.20 8.27
C VAL A 204 -13.60 28.09 8.81
N THR A 205 -13.96 27.92 10.07
CA THR A 205 -15.07 28.68 10.65
C THR A 205 -14.86 30.17 10.46
N ALA A 206 -13.67 30.67 10.80
CA ALA A 206 -13.38 32.08 10.58
C ALA A 206 -13.79 32.52 9.17
N GLN A 207 -13.37 31.77 8.14
CA GLN A 207 -13.68 32.14 6.74
C GLN A 207 -15.15 31.94 6.44
N GLU A 208 -15.70 30.79 6.83
CA GLU A 208 -17.08 30.45 6.51
C GLU A 208 -18.06 31.36 7.26
N SER A 209 -17.66 31.90 8.39
CA SER A 209 -18.50 32.80 9.15
C SER A 209 -18.39 34.24 8.67
N GLY A 210 -17.41 34.53 7.82
CA GLY A 210 -17.22 35.86 7.30
C GLY A 210 -16.39 36.76 8.18
N ARG A 211 -15.86 36.23 9.28
CA ARG A 211 -15.04 36.97 10.22
C ARG A 211 -13.63 37.26 9.68
N VAL A 212 -13.17 36.55 8.66
CA VAL A 212 -11.96 36.93 7.94
C VAL A 212 -12.25 36.85 6.44
N GLN A 213 -11.47 37.58 5.64
CA GLN A 213 -11.72 37.60 4.20
C GLN A 213 -10.97 36.54 3.40
N ALA A 214 -9.84 36.02 3.90
CA ALA A 214 -9.10 34.97 3.23
C ALA A 214 -8.41 34.09 4.27
N ILE A 215 -8.15 32.82 3.92
CA ILE A 215 -7.43 31.89 4.78
C ILE A 215 -6.42 31.08 3.98
N GLU A 216 -5.26 30.84 4.58
CA GLU A 216 -4.19 30.01 4.02
C GLU A 216 -4.41 28.53 4.33
N SER A 217 -3.98 27.68 3.41
CA SER A 217 -3.97 26.23 3.61
C SER A 217 -5.36 25.72 3.98
N VAL A 218 -6.27 25.79 2.99
CA VAL A 218 -7.62 25.28 3.23
C VAL A 218 -7.53 23.79 3.51
N PRO A 219 -8.19 23.27 4.56
CA PRO A 219 -8.17 21.83 4.77
C PRO A 219 -8.87 21.12 3.62
N TYR A 220 -8.24 20.04 3.14
CA TYR A 220 -8.67 19.44 1.88
C TYR A 220 -10.13 19.03 1.92
N LEU A 221 -10.59 18.48 3.05
CA LEU A 221 -11.96 18.00 3.19
C LEU A 221 -13.00 19.12 3.17
N ASP A 222 -12.59 20.35 3.47
CA ASP A 222 -13.50 21.50 3.53
C ASP A 222 -13.44 22.35 2.27
N ALA A 223 -12.71 21.89 1.25
CA ALA A 223 -12.44 22.74 0.09
C ALA A 223 -13.69 23.00 -0.73
N GLU A 224 -14.40 21.93 -1.12
CA GLU A 224 -15.55 22.11 -2.00
C GLU A 224 -16.68 22.85 -1.30
N ARG A 225 -16.94 22.52 -0.02
CA ARG A 225 -18.04 23.19 0.68
C ARG A 225 -17.84 24.69 0.74
N LEU A 226 -16.59 25.15 0.78
CA LEU A 226 -16.30 26.57 0.95
C LEU A 226 -16.41 27.33 -0.37
N LYS A 227 -16.44 26.62 -1.50
CA LYS A 227 -16.71 27.24 -2.80
C LYS A 227 -18.14 27.75 -2.92
N ARG A 228 -19.06 27.27 -2.05
CA ARG A 228 -20.40 27.84 -2.01
C ARG A 228 -20.35 29.38 -1.95
N LYS A 229 -19.62 29.93 -0.98
CA LYS A 229 -19.57 31.37 -0.78
C LYS A 229 -18.25 32.00 -1.18
N ASN A 230 -17.21 31.22 -1.43
CA ASN A 230 -15.87 31.75 -1.58
C ASN A 230 -15.18 31.15 -2.79
N ASN A 231 -14.26 31.92 -3.36
CA ASN A 231 -13.25 31.38 -4.25
C ASN A 231 -12.30 30.47 -3.48
N VAL A 232 -12.13 29.25 -3.96
CA VAL A 232 -11.09 28.36 -3.47
C VAL A 232 -10.26 27.94 -4.68
N GLU A 233 -8.95 28.18 -4.61
CA GLU A 233 -8.05 27.80 -5.69
C GLU A 233 -6.82 27.04 -5.18
N SER A 234 -6.57 25.91 -5.81
CA SER A 234 -5.47 25.03 -5.43
C SER A 234 -4.34 25.21 -6.44
N VAL A 235 -3.17 25.59 -5.95
CA VAL A 235 -2.03 25.91 -6.79
C VAL A 235 -0.99 24.81 -6.61
N GLN A 236 -0.39 24.37 -7.71
CA GLN A 236 0.73 23.44 -7.58
C GLN A 236 1.93 24.17 -6.99
N SER A 237 2.64 23.51 -6.08
CA SER A 237 3.68 24.15 -5.28
C SER A 237 4.85 23.20 -5.06
N PHE A 238 6.05 23.78 -4.93
CA PHE A 238 7.18 22.99 -4.44
C PHE A 238 6.95 22.49 -3.01
N GLY A 239 5.98 23.07 -2.29
CA GLY A 239 5.74 22.72 -0.90
C GLY A 239 5.66 21.23 -0.66
N LEU A 240 6.46 20.69 0.26
CA LEU A 240 6.58 19.25 0.39
C LEU A 240 6.61 18.82 1.86
N LEU A 241 6.48 17.51 2.04
CA LEU A 241 6.75 16.82 3.29
C LEU A 241 8.04 16.03 3.10
N PHE A 242 9.07 16.36 3.86
CA PHE A 242 10.30 15.58 3.73
C PHE A 242 10.45 14.58 4.87
N LEU A 243 11.27 13.56 4.62
CA LEU A 243 11.75 12.59 5.59
C LEU A 243 13.22 12.91 5.87
N PHE A 245 16.71 12.23 8.26
CA PHE A 245 17.40 11.35 9.18
C PHE A 245 18.59 12.05 9.83
N ASN A 246 18.94 11.59 11.05
CA ASN A 246 20.22 11.97 11.65
C ASN A 246 21.25 10.98 11.13
N CYS A 247 22.10 11.44 10.21
CA CYS A 247 23.01 10.52 9.53
C CYS A 247 24.30 10.23 10.32
N GLU A 248 24.44 10.76 11.55
CA GLU A 248 25.49 10.36 12.50
C GLU A 248 25.09 9.15 13.33
N LYS A 249 23.81 8.77 13.36
CA LYS A 249 23.32 7.75 14.29
C LYS A 249 23.03 6.44 13.58
N ALA A 250 23.74 5.39 13.96
CA ALA A 250 23.42 4.08 13.44
C ALA A 250 21.99 3.70 13.82
N PRO A 251 21.26 3.01 12.93
CA PRO A 251 21.78 2.60 11.63
C PRO A 251 21.39 3.56 10.49
N PHE A 252 20.99 4.79 10.85
CA PHE A 252 20.53 5.73 9.82
C PHE A 252 21.68 6.35 9.02
N ASP A 253 22.93 6.08 9.41
CA ASP A 253 24.05 6.47 8.57
C ASP A 253 24.18 5.53 7.38
N ASN A 254 23.47 4.42 7.38
CA ASN A 254 23.52 3.52 6.25
C ASN A 254 22.46 3.92 5.24
N PRO A 255 22.84 4.45 4.08
CA PRO A 255 21.80 4.85 3.11
C PRO A 255 20.88 3.71 2.78
N LYS A 256 21.40 2.48 2.87
CA LYS A 256 20.58 1.31 2.64
C LYS A 256 19.36 1.30 3.56
N VAL A 257 19.53 1.67 4.84
CA VAL A 257 18.38 1.72 5.77
C VAL A 257 17.47 2.89 5.41
N ARG A 258 18.05 4.05 5.07
CA ARG A 258 17.24 5.21 4.74
C ARG A 258 16.39 4.96 3.51
N GLN A 259 16.91 4.22 2.53
CA GLN A 259 16.11 3.90 1.35
C GLN A 259 14.94 2.98 1.69
N ALA A 260 15.19 1.95 2.49
CA ALA A 260 14.14 1.01 2.83
C ALA A 260 12.93 1.72 3.43
N LEU A 261 13.18 2.70 4.33
CA LEU A 261 12.07 3.38 4.99
C LEU A 261 11.26 4.23 4.00
N HIS A 262 11.87 4.68 2.91
CA HIS A 262 11.08 5.29 1.84
C HIS A 262 10.25 4.27 1.09
N TYR A 263 10.86 3.12 0.74
CA TYR A 263 10.12 2.08 0.04
C TYR A 263 8.92 1.60 0.86
N ALA A 264 9.08 1.53 2.18
CA ALA A 264 8.04 1.02 3.06
C ALA A 264 6.80 1.91 3.09
N LEU A 265 6.90 3.16 2.69
CA LEU A 265 5.76 4.05 2.80
C LEU A 265 4.83 3.87 1.62
N ASP A 266 3.53 3.74 1.91
CA ASP A 266 2.50 3.62 0.88
C ASP A 266 1.98 5.02 0.55
N LYS A 267 2.64 5.69 -0.40
CA LYS A 267 2.26 7.07 -0.70
C LYS A 267 0.85 7.18 -1.26
N GLN A 268 0.39 6.15 -1.99
CA GLN A 268 -0.92 6.31 -2.62
C GLN A 268 -2.02 6.39 -1.58
N LYS A 269 -1.98 5.49 -0.59
CA LYS A 269 -2.91 5.60 0.53
C LYS A 269 -2.88 6.99 1.14
N LEU A 270 -1.67 7.55 1.30
CA LEU A 270 -1.49 8.88 1.87
C LEU A 270 -2.15 9.95 1.01
N ILE A 271 -1.92 9.91 -0.30
CA ILE A 271 -2.51 10.90 -1.20
C ILE A 271 -4.03 10.80 -1.23
N ASP A 272 -4.59 9.58 -1.17
CA ASP A 272 -6.03 9.42 -1.23
C ASP A 272 -6.71 9.94 0.03
N ILE A 273 -6.21 9.54 1.20
CA ILE A 273 -6.94 9.73 2.45
C ILE A 273 -6.67 11.08 3.07
N VAL A 274 -5.42 11.54 3.04
CA VAL A 274 -5.06 12.81 3.67
C VAL A 274 -5.26 13.96 2.71
N PHE A 275 -4.81 13.81 1.47
CA PHE A 275 -4.79 14.91 0.50
C PHE A 275 -5.90 14.82 -0.53
N LEU A 276 -6.75 13.79 -0.46
CA LEU A 276 -7.83 13.58 -1.42
C LEU A 276 -7.35 13.90 -2.83
N GLY A 277 -6.20 13.34 -3.18
CA GLY A 277 -5.63 13.43 -4.51
C GLY A 277 -4.86 14.69 -4.81
N ASN A 278 -4.78 15.65 -3.88
CA ASN A 278 -4.19 16.96 -4.19
C ASN A 278 -2.68 17.01 -3.95
N ALA A 279 -2.00 15.88 -4.11
CA ALA A 279 -0.56 15.80 -3.96
C ALA A 279 -0.05 14.68 -4.86
N LYS A 280 1.28 14.50 -4.88
CA LYS A 280 1.97 13.63 -5.83
C LYS A 280 3.20 13.07 -5.16
N ALA A 281 3.31 11.75 -5.10
CA ALA A 281 4.54 11.16 -4.60
C ALA A 281 5.73 11.75 -5.34
N ALA A 282 6.80 12.02 -4.61
CA ALA A 282 7.98 12.59 -5.22
C ALA A 282 8.59 11.62 -6.23
N THR A 283 8.92 12.12 -7.43
CA THR A 283 9.71 11.38 -8.39
C THR A 283 11.02 12.09 -8.69
N SER A 284 11.38 13.06 -7.85
CA SER A 284 12.57 13.88 -8.04
C SER A 284 12.55 15.00 -7.00
N TYR A 285 13.67 15.73 -6.87
CA TYR A 285 13.73 16.85 -5.94
C TYR A 285 12.64 17.88 -6.25
N LEU A 286 12.50 18.26 -7.51
CA LEU A 286 11.40 19.13 -7.90
C LEU A 286 10.09 18.36 -8.06
N GLN A 287 8.98 19.10 -8.03
CA GLN A 287 7.69 18.57 -8.47
C GLN A 287 7.63 18.54 -10.00
N ASP A 288 6.87 17.58 -10.55
CA ASP A 288 6.91 17.32 -11.99
C ASP A 288 6.38 18.47 -12.86
N THR A 289 5.88 19.55 -12.27
CA THR A 289 5.46 20.73 -13.03
C THR A 289 6.46 21.89 -12.94
N HIS A 290 7.48 21.74 -12.10
CA HIS A 290 8.56 22.73 -12.07
C HIS A 290 9.27 22.74 -13.41
N PRO A 291 9.56 23.94 -13.95
CA PRO A 291 10.22 24.02 -15.27
C PRO A 291 11.54 23.26 -15.39
N ASP A 292 12.30 23.10 -14.32
CA ASP A 292 13.53 22.33 -14.42
C ASP A 292 13.36 20.86 -13.98
N TYR A 293 12.13 20.39 -13.82
CA TYR A 293 11.90 19.02 -13.39
C TYR A 293 12.59 18.03 -14.31
N VAL A 294 13.39 17.14 -13.72
CA VAL A 294 14.03 16.03 -14.42
C VAL A 294 13.94 14.79 -13.52
N LYS A 295 13.18 13.77 -13.97
CA LYS A 295 12.97 12.56 -13.17
C LYS A 295 14.28 12.02 -12.61
N ALA A 296 14.27 11.70 -11.32
CA ALA A 296 15.43 11.18 -10.62
C ALA A 296 15.66 9.71 -10.95
N SER A 297 16.92 9.28 -10.84
CA SER A 297 17.31 7.91 -11.13
C SER A 297 17.01 6.93 -10.00
N SER A 298 16.64 7.41 -8.83
CA SER A 298 16.04 6.57 -7.79
C SER A 298 14.60 6.98 -7.60
N GLN A 299 13.68 6.02 -7.72
CA GLN A 299 12.28 6.21 -7.39
C GLN A 299 11.93 5.30 -6.21
N TYR A 300 11.03 5.77 -5.34
CA TYR A 300 10.70 5.00 -4.15
C TYR A 300 9.22 4.67 -4.03
N ASP A 301 8.64 4.06 -5.06
CA ASP A 301 7.24 3.67 -5.00
C ASP A 301 7.05 2.52 -4.02
N TYR A 302 5.90 2.53 -3.33
CA TYR A 302 5.55 1.54 -2.32
C TYR A 302 6.00 0.12 -2.66
N ASP A 303 7.02 -0.37 -1.96
CA ASP A 303 7.49 -1.74 -2.16
C ASP A 303 7.98 -2.26 -0.80
N LYS A 304 7.10 -2.98 -0.09
CA LYS A 304 7.46 -3.49 1.23
C LYS A 304 8.60 -4.50 1.12
N ALA A 305 8.51 -5.42 0.15
CA ALA A 305 9.50 -6.48 0.03
C ALA A 305 10.90 -5.92 -0.23
N LYS A 306 10.99 -4.88 -1.05
CA LYS A 306 12.30 -4.27 -1.23
C LYS A 306 12.79 -3.68 0.07
N ALA A 307 11.88 -3.06 0.83
CA ALA A 307 12.26 -2.52 2.13
C ALA A 307 12.80 -3.63 3.04
N GLU A 308 12.14 -4.78 3.03
CA GLU A 308 12.62 -5.91 3.80
C GLU A 308 13.98 -6.38 3.32
N LYS A 309 14.09 -6.65 2.01
CA LYS A 309 15.37 -7.07 1.47
C LYS A 309 16.48 -6.11 1.87
N LEU A 310 16.19 -4.80 1.88
CA LEU A 310 17.24 -3.81 2.13
C LEU A 310 17.65 -3.80 3.59
N LEU A 311 16.68 -3.97 4.50
CA LEU A 311 16.98 -4.05 5.93
C LEU A 311 17.81 -5.30 6.26
N ALA A 312 17.42 -6.45 5.70
CA ALA A 312 18.21 -7.66 5.85
C ALA A 312 19.65 -7.47 5.37
N GLU A 313 19.81 -6.89 4.19
CA GLU A 313 21.15 -6.59 3.72
C GLU A 313 21.88 -5.69 4.71
N ALA A 314 21.19 -4.69 5.28
CA ALA A 314 21.85 -3.84 6.26
C ALA A 314 22.12 -4.57 7.59
N GLY A 315 21.51 -5.72 7.84
CA GLY A 315 21.72 -6.37 9.11
C GLY A 315 20.84 -5.86 10.24
N ILE A 316 19.68 -5.32 9.91
CA ILE A 316 18.75 -4.82 10.91
C ILE A 316 17.90 -6.00 11.37
N THR A 317 18.10 -6.43 12.61
CA THR A 317 17.26 -7.48 13.17
C THR A 317 16.20 -6.94 14.11
N ASN A 318 16.44 -5.81 14.77
CA ASN A 318 15.42 -5.28 15.66
C ASN A 318 15.60 -3.80 15.94
N LEU A 319 15.16 -2.96 15.02
CA LEU A 319 15.32 -1.52 15.16
C LEU A 319 14.09 -0.90 15.82
N THR A 320 14.32 -0.12 16.88
CA THR A 320 13.31 0.74 17.48
C THR A 320 13.75 2.18 17.39
N PHE A 321 12.83 3.06 17.03
CA PHE A 321 13.17 4.47 16.99
C PHE A 321 11.88 5.27 17.12
N GLN A 322 12.03 6.48 17.61
CA GLN A 322 10.91 7.40 17.73
C GLN A 322 10.89 8.32 16.51
N LEU A 323 9.71 8.53 15.94
CA LEU A 323 9.53 9.50 14.86
C LEU A 323 9.07 10.82 15.46
N LEU A 324 9.86 11.88 15.27
CA LEU A 324 9.46 13.24 15.60
C LEU A 324 8.78 13.88 14.38
N ALA A 325 7.66 14.54 14.64
CA ALA A 325 6.90 15.21 13.61
C ALA A 325 6.37 16.52 14.18
N THR A 326 6.12 17.46 13.29
CA THR A 326 5.61 18.76 13.67
C THR A 326 4.11 18.65 13.94
N ASP A 327 3.53 19.74 14.42
CA ASP A 327 2.17 19.71 14.95
C ASP A 327 1.11 20.09 13.92
N HIS A 328 1.50 20.42 12.69
CA HIS A 328 0.51 20.89 11.72
C HIS A 328 -0.57 19.84 11.53
N ALA A 329 -1.79 20.31 11.24
CA ALA A 329 -2.94 19.40 11.19
C ALA A 329 -2.75 18.31 10.13
N TRP A 330 -2.30 18.67 8.93
CA TRP A 330 -2.12 17.66 7.90
C TRP A 330 -0.89 16.79 8.12
N VAL A 331 0.10 17.27 8.89
CA VAL A 331 1.20 16.39 9.27
C VAL A 331 0.72 15.40 10.30
N LYS A 332 -0.18 15.82 11.19
CA LYS A 332 -0.75 14.90 12.16
C LYS A 332 -1.56 13.80 11.47
N GLU A 333 -2.27 14.14 10.38
CA GLU A 333 -3.00 13.11 9.66
C GLU A 333 -2.08 12.16 8.89
N CYS A 334 -0.87 12.60 8.50
CA CYS A 334 0.05 11.74 7.76
C CYS A 334 0.80 10.78 8.68
N ALA A 335 0.95 11.14 9.96
CA ALA A 335 1.82 10.41 10.88
C ALA A 335 1.33 8.99 11.18
N PRO A 336 0.04 8.79 11.41
CA PRO A 336 -0.43 7.41 11.58
C PRO A 336 -0.16 6.54 10.36
N LEU A 337 -0.59 7.00 9.18
CA LEU A 337 -0.38 6.24 7.94
C LEU A 337 1.10 5.89 7.78
N ILE A 338 1.98 6.85 8.00
CA ILE A 338 3.41 6.55 7.95
C ILE A 338 3.77 5.48 8.96
N LEU A 339 3.34 5.66 10.21
CA LEU A 339 3.74 4.71 11.25
C LEU A 339 3.18 3.33 10.95
N GLU A 340 1.95 3.28 10.43
CA GLU A 340 1.37 1.99 10.07
C GLU A 340 2.22 1.27 9.02
N SER A 341 2.77 2.01 8.05
CA SER A 341 3.60 1.37 7.04
C SER A 341 4.92 0.86 7.64
N TRP A 342 5.60 1.69 8.44
CA TRP A 342 6.84 1.22 9.07
C TRP A 342 6.58 0.07 10.06
N ASN A 343 5.54 0.20 10.89
CA ASN A 343 5.26 -0.87 11.83
C ASN A 343 4.76 -2.14 11.17
N ALA A 344 4.41 -2.08 9.89
CA ALA A 344 4.18 -3.30 9.13
C ALA A 344 5.46 -4.10 8.91
N LEU A 345 6.63 -3.47 8.92
CA LEU A 345 7.86 -4.20 8.67
C LEU A 345 8.21 -5.11 9.85
N SER A 346 8.78 -6.26 9.52
CA SER A 346 9.09 -7.30 10.50
C SER A 346 10.16 -6.88 11.50
N VAL A 347 11.15 -6.09 11.11
CA VAL A 347 12.28 -5.77 11.98
C VAL A 347 12.23 -4.36 12.52
N VAL A 348 11.19 -3.59 12.24
CA VAL A 348 11.15 -2.20 12.66
C VAL A 348 9.97 -1.95 13.60
N LYS A 349 10.21 -1.15 14.64
CA LYS A 349 9.20 -0.67 15.57
C LYS A 349 9.36 0.84 15.71
N VAL A 350 8.27 1.59 15.55
CA VAL A 350 8.31 3.05 15.48
C VAL A 350 7.24 3.63 16.40
N THR A 351 7.63 4.50 17.34
CA THR A 351 6.71 5.34 18.10
C THR A 351 6.69 6.77 17.55
N LEU A 352 5.68 7.54 17.99
CA LEU A 352 5.40 8.84 17.40
C LEU A 352 5.35 9.94 18.45
N GLN A 353 5.86 11.11 18.08
CA GLN A 353 5.93 12.25 18.99
C GLN A 353 5.82 13.52 18.17
N HIS A 354 4.76 14.28 18.39
CA HIS A 354 4.56 15.56 17.75
C HIS A 354 5.16 16.67 18.61
N LEU A 355 5.68 17.70 17.93
CA LEU A 355 6.21 18.89 18.58
C LEU A 355 5.87 20.11 17.75
N GLN A 356 5.73 21.25 18.43
CA GLN A 356 5.68 22.49 17.69
C GLN A 356 6.94 22.66 16.86
N SER A 357 6.82 23.28 15.70
CA SER A 357 7.97 23.42 14.82
C SER A 357 9.12 24.12 15.54
N GLY A 358 8.84 25.27 16.14
CA GLY A 358 9.89 26.04 16.81
C GLY A 358 10.67 25.25 17.83
N ALA A 359 9.99 24.39 18.59
CA ALA A 359 10.67 23.57 19.59
C ALA A 359 11.39 22.37 18.96
N LEU A 360 10.81 21.81 17.91
CA LEU A 360 11.44 20.70 17.23
C LEU A 360 12.86 21.06 16.77
N TYR A 361 13.05 22.23 16.15
CA TYR A 361 14.34 22.53 15.56
C TYR A 361 15.32 23.02 16.61
N SER A 362 14.88 23.89 17.50
CA SER A 362 15.81 24.51 18.44
C SER A 362 16.19 23.54 19.56
N ALA A 363 15.28 22.65 19.96
CA ALA A 363 15.58 21.72 21.04
C ALA A 363 16.00 20.34 20.58
N HIS A 364 15.62 19.91 19.38
CA HIS A 364 15.95 18.54 18.98
C HIS A 364 16.84 18.49 17.75
N VAL A 365 16.40 19.04 16.62
CA VAL A 365 17.16 18.85 15.39
C VAL A 365 18.50 19.56 15.47
N ASP A 366 18.47 20.86 15.77
CA ASP A 366 19.68 21.66 15.87
C ASP A 366 20.71 21.03 16.80
N LYS A 367 20.29 20.18 17.74
CA LYS A 367 21.18 19.57 18.72
C LYS A 367 21.48 18.11 18.43
N GLY A 368 20.93 17.55 17.35
CA GLY A 368 21.16 16.15 17.05
C GLY A 368 20.33 15.21 17.89
N ALA A 369 19.43 15.73 18.72
CA ALA A 369 18.65 14.90 19.64
C ALA A 369 17.41 14.35 18.93
N TYR A 370 17.67 13.59 17.88
CA TYR A 370 16.60 12.91 17.17
C TYR A 370 17.21 11.79 16.35
N GLU A 371 16.34 11.03 15.71
CA GLU A 371 16.76 9.99 14.79
C GLU A 371 16.05 10.19 13.47
N VAL A 372 14.74 10.37 13.50
CA VAL A 372 13.93 10.42 12.30
C VAL A 372 12.85 11.49 12.47
N VAL A 373 12.74 12.37 11.47
CA VAL A 373 11.77 13.46 11.47
C VAL A 373 10.98 13.47 10.16
N ILE A 374 9.70 13.80 10.25
CA ILE A 374 8.96 14.35 9.11
C ILE A 374 8.52 15.76 9.47
N ALA A 375 8.62 16.67 8.49
CA ALA A 375 8.21 18.05 8.66
C ALA A 375 7.93 18.64 7.28
N PRO A 376 7.13 19.70 7.20
CA PRO A 376 6.87 20.37 5.93
C PRO A 376 7.94 21.40 5.62
N GLY A 377 8.15 21.62 4.32
CA GLY A 377 9.15 22.57 3.88
C GLY A 377 8.78 23.22 2.57
N ASP A 378 9.06 24.52 2.44
CA ASP A 378 8.83 25.23 1.19
C ASP A 378 9.84 26.34 1.02
N PRO A 379 11.05 26.02 0.54
CA PRO A 379 12.04 27.07 0.30
C PRO A 379 11.74 27.91 -0.95
N SER A 380 10.71 27.58 -1.74
CA SER A 380 10.44 28.48 -2.86
C SER A 380 9.86 29.83 -2.42
N VAL A 381 9.69 30.07 -1.11
CA VAL A 381 9.38 31.42 -0.66
C VAL A 381 10.50 32.36 -1.02
N PHE A 382 11.69 31.82 -1.29
CA PHE A 382 12.86 32.62 -1.63
C PHE A 382 13.02 32.84 -3.13
N GLY A 383 12.32 32.07 -3.95
CA GLY A 383 12.48 32.13 -5.38
C GLY A 383 12.37 30.74 -5.95
N ASN A 384 12.53 30.61 -7.27
CA ASN A 384 12.21 29.38 -7.97
C ASN A 384 13.37 28.76 -8.73
N ASP A 385 14.58 29.33 -8.70
CA ASP A 385 15.63 28.71 -9.49
C ASP A 385 16.15 27.45 -8.79
N LEU A 386 16.59 26.50 -9.60
CA LEU A 386 16.94 25.18 -9.09
C LEU A 386 18.06 25.25 -8.05
N ASP A 387 19.12 26.03 -8.33
CA ASP A 387 20.21 26.16 -7.37
C ASP A 387 19.71 26.69 -6.02
N LEU A 388 18.75 27.63 -6.04
CA LEU A 388 18.19 28.10 -4.79
C LEU A 388 17.52 26.95 -4.03
N LEU A 389 16.70 26.16 -4.74
CA LEU A 389 15.95 25.08 -4.11
C LEU A 389 16.87 23.98 -3.60
N LEU A 390 17.92 23.64 -4.36
CA LEU A 390 18.90 22.70 -3.83
C LEU A 390 19.66 23.29 -2.66
N SER A 391 20.09 24.55 -2.78
CA SER A 391 21.00 25.15 -1.79
C SER A 391 20.38 25.15 -0.41
N TRP A 392 19.07 25.39 -0.34
CA TRP A 392 18.41 25.46 0.95
C TRP A 392 18.86 24.32 1.84
N TRP A 393 18.71 23.10 1.35
CA TRP A 393 18.98 21.93 2.17
C TRP A 393 20.37 21.35 1.92
N TYR A 394 20.99 21.61 0.77
CA TYR A 394 22.19 20.86 0.40
C TYR A 394 23.45 21.67 0.18
N ARG A 395 23.43 22.99 0.33
CA ARG A 395 24.64 23.78 0.22
C ARG A 395 25.17 24.14 1.60
N GLY A 396 26.48 24.16 1.74
CA GLY A 396 26.98 24.69 3.00
C GLY A 396 26.62 23.85 4.21
N ASP A 397 26.46 24.52 5.34
CA ASP A 397 26.36 23.81 6.62
C ASP A 397 25.02 23.93 7.34
N VAL A 398 24.12 24.85 6.92
CA VAL A 398 22.94 25.15 7.74
C VAL A 398 22.09 23.89 7.98
N TRP A 399 21.81 23.13 6.92
CA TRP A 399 21.10 21.88 7.11
C TRP A 399 22.08 20.71 7.14
N PRO A 400 22.95 20.55 6.14
CA PRO A 400 23.74 19.31 6.06
C PRO A 400 24.68 19.11 7.24
N LYS A 401 25.18 20.17 7.87
CA LYS A 401 26.13 19.97 8.96
C LYS A 401 25.51 20.20 10.33
N ARG A 402 24.74 21.27 10.49
CA ARG A 402 24.07 21.58 11.76
C ARG A 402 22.80 20.77 12.00
N ARG A 403 22.24 20.11 10.99
CA ARG A 403 20.93 19.50 11.17
C ARG A 403 20.87 18.01 10.82
N PHE A 404 21.04 17.62 9.54
CA PHE A 404 20.98 16.19 9.27
C PHE A 404 22.34 15.50 9.22
N ARG A 405 23.44 16.22 9.42
CA ARG A 405 24.69 15.61 9.90
C ARG A 405 25.22 14.59 8.89
N TRP A 406 25.29 15.04 7.65
CA TRP A 406 25.69 14.27 6.49
C TRP A 406 26.90 14.89 5.80
N ALA A 407 27.33 16.08 6.22
CA ALA A 407 28.49 16.76 5.65
C ALA A 407 29.79 15.99 5.86
N ASN A 408 29.77 14.89 6.63
CA ASN A 408 30.96 14.09 6.81
C ASN A 408 31.27 13.17 5.63
N THR A 409 30.32 12.99 4.72
CA THR A 409 30.41 11.97 3.68
C THR A 409 31.08 12.50 2.41
N ALA A 410 31.60 11.56 1.62
CA ALA A 410 32.12 11.87 0.29
C ALA A 410 31.01 12.33 -0.65
N GLU A 411 29.82 11.74 -0.52
CA GLU A 411 28.68 12.17 -1.32
C GLU A 411 28.34 13.63 -1.08
N TYR A 412 28.43 14.06 0.18
CA TYR A 412 28.21 15.46 0.48
C TYR A 412 29.22 16.34 -0.26
N HIS A 413 30.52 16.05 -0.13
CA HIS A 413 31.54 16.83 -0.85
C HIS A 413 31.27 16.84 -2.36
N GLU A 414 30.90 15.68 -2.92
CA GLU A 414 30.63 15.64 -4.34
C GLU A 414 29.41 16.49 -4.72
N VAL A 415 28.41 16.56 -3.85
CA VAL A 415 27.28 17.44 -4.11
C VAL A 415 27.71 18.91 -4.09
N GLN A 416 28.66 19.25 -3.20
CA GLN A 416 29.19 20.62 -3.17
C GLN A 416 29.87 20.98 -4.49
N LYS A 417 30.78 20.11 -4.95
CA LYS A 417 31.44 20.35 -6.24
C LYS A 417 30.43 20.53 -7.36
N LEU A 418 29.40 19.67 -7.41
CA LEU A 418 28.38 19.79 -8.44
C LEU A 418 27.62 21.11 -8.35
N LEU A 419 27.21 21.52 -7.13
CA LEU A 419 26.44 22.75 -7.02
C LEU A 419 27.25 23.96 -7.45
N ASP A 420 28.56 23.97 -7.12
CA ASP A 420 29.42 25.08 -7.50
C ASP A 420 29.72 25.08 -8.99
N GLU A 421 29.87 23.89 -9.58
CA GLU A 421 29.98 23.79 -11.03
C GLU A 421 28.79 24.45 -11.72
N ALA A 422 27.56 24.21 -11.23
CA ALA A 422 26.37 24.58 -11.98
C ALA A 422 26.10 26.07 -11.95
N ILE A 423 26.45 26.78 -10.88
CA ILE A 423 26.22 28.23 -10.88
C ILE A 423 27.37 28.98 -11.55
N LYS A 424 28.57 28.40 -11.56
CA LYS A 424 29.64 29.01 -12.34
C LYS A 424 29.43 28.79 -13.83
N ASN A 425 29.04 27.58 -14.23
CA ASN A 425 28.92 27.18 -15.63
C ASN A 425 27.45 27.05 -16.05
N PRO A 426 26.77 28.13 -16.41
CA PRO A 426 25.37 27.98 -16.85
C PRO A 426 25.22 27.01 -18.01
N ALA A 427 26.17 27.01 -18.95
CA ALA A 427 26.08 26.13 -20.11
C ALA A 427 25.90 24.67 -19.71
N GLY A 428 26.62 24.23 -18.67
CA GLY A 428 26.56 22.87 -18.18
C GLY A 428 25.75 22.64 -16.92
N SER A 429 24.95 23.62 -16.48
CA SER A 429 24.30 23.47 -15.18
C SER A 429 23.31 22.31 -15.19
N LYS A 430 22.51 22.18 -16.25
CA LYS A 430 21.53 21.10 -16.33
C LYS A 430 22.18 19.75 -16.01
N VAL A 431 23.31 19.48 -16.64
CA VAL A 431 23.99 18.20 -16.46
C VAL A 431 24.49 18.07 -15.02
N ALA A 432 25.06 19.14 -14.47
CA ALA A 432 25.59 19.09 -13.11
C ALA A 432 24.47 18.86 -12.09
N TRP A 433 23.36 19.59 -12.23
CA TRP A 433 22.23 19.43 -11.31
C TRP A 433 21.63 18.03 -11.36
N GLN A 434 21.62 17.37 -12.53
CA GLN A 434 21.07 16.02 -12.58
C GLN A 434 21.94 15.05 -11.79
N LYS A 435 23.26 15.21 -11.84
CA LYS A 435 24.15 14.39 -11.01
C LYS A 435 23.93 14.65 -9.53
N ALA A 436 23.75 15.92 -9.15
CA ALA A 436 23.55 16.22 -7.73
C ALA A 436 22.25 15.60 -7.23
N ILE A 437 21.17 15.74 -8.01
CA ILE A 437 19.88 15.21 -7.60
C ILE A 437 19.94 13.69 -7.49
N ASN A 438 20.55 13.03 -8.48
CA ASN A 438 20.67 11.57 -8.44
C ASN A 438 21.45 11.13 -7.20
N ILE A 439 22.48 11.89 -6.82
CA ILE A 439 23.17 11.57 -5.59
C ILE A 439 22.24 11.75 -4.40
N ILE A 440 21.48 12.84 -4.37
CA ILE A 440 20.59 13.06 -3.24
C ILE A 440 19.53 11.97 -3.18
N ALA A 441 18.96 11.60 -4.34
CA ALA A 441 17.88 10.62 -4.40
C ALA A 441 18.37 9.22 -4.04
N GLU A 442 19.64 8.93 -4.24
CA GLU A 442 20.18 7.65 -3.81
C GLU A 442 20.52 7.64 -2.33
N GLN A 443 21.03 8.77 -1.81
CA GLN A 443 21.45 8.81 -0.42
C GLN A 443 20.29 9.11 0.53
N VAL A 444 19.29 9.86 0.08
CA VAL A 444 18.13 10.30 0.84
C VAL A 444 18.46 10.69 2.28
N PRO A 445 19.38 11.64 2.52
CA PRO A 445 19.51 12.16 3.89
C PRO A 445 18.27 12.92 4.31
N LEU A 446 17.83 13.82 3.43
CA LEU A 446 16.58 14.54 3.54
C LEU A 446 16.02 14.51 2.13
N TYR A 447 14.77 14.11 1.97
CA TYR A 447 14.21 13.87 0.65
C TYR A 447 12.69 13.93 0.72
N PRO A 448 12.04 14.43 -0.32
CA PRO A 448 10.58 14.60 -0.24
C PRO A 448 9.85 13.27 -0.21
N ILE A 449 8.80 13.21 0.61
CA ILE A 449 7.82 12.13 0.51
C ILE A 449 6.76 12.45 -0.55
N ILE A 450 6.22 13.66 -0.51
CA ILE A 450 5.29 14.14 -1.52
C ILE A 450 5.47 15.66 -1.66
N HIS A 451 5.14 16.19 -2.84
CA HIS A 451 4.80 17.59 -3.03
C HIS A 451 3.28 17.71 -3.12
N ARG A 452 2.74 18.86 -2.73
CA ARG A 452 1.29 18.99 -2.60
C ARG A 452 0.83 20.28 -3.25
N LYS A 453 -0.47 20.34 -3.54
CA LYS A 453 -1.08 21.57 -4.03
C LYS A 453 -1.63 22.36 -2.87
N LEU A 454 -1.51 23.70 -2.95
CA LEU A 454 -1.98 24.61 -1.91
C LEU A 454 -3.33 25.20 -2.24
N PRO A 455 -4.39 24.87 -1.50
CA PRO A 455 -5.65 25.61 -1.64
C PRO A 455 -5.63 26.89 -0.82
N THR A 456 -6.05 28.00 -1.44
CA THR A 456 -6.32 29.23 -0.70
C THR A 456 -7.78 29.62 -0.94
N ALA A 457 -8.48 29.97 0.14
CA ALA A 457 -9.84 30.47 0.08
C ALA A 457 -9.83 31.98 0.31
N TRP A 458 -10.61 32.71 -0.50
CA TRP A 458 -10.82 34.14 -0.26
C TRP A 458 -12.18 34.58 -0.79
N ASN A 459 -12.61 35.77 -0.35
CA ASN A 459 -13.93 36.32 -0.69
C ASN A 459 -13.75 37.41 -1.74
N THR A 460 -14.16 37.12 -2.97
CA THR A 460 -13.92 38.05 -4.06
C THR A 460 -14.69 39.35 -3.89
N LYS A 461 -15.78 39.31 -3.15
CA LYS A 461 -16.59 40.50 -2.95
C LYS A 461 -15.99 41.45 -1.92
N LYS A 462 -15.12 40.95 -1.05
CA LYS A 462 -14.56 41.76 0.01
C LYS A 462 -13.15 42.26 -0.27
N LEU A 463 -12.36 41.57 -1.09
CA LEU A 463 -11.01 42.01 -1.39
C LEU A 463 -10.90 42.40 -2.86
N THR A 464 -9.84 43.13 -3.18
CA THR A 464 -9.55 43.50 -4.55
C THR A 464 -8.13 43.11 -4.89
N ASP A 465 -7.97 42.39 -6.00
CA ASP A 465 -6.68 41.97 -6.52
C ASP A 465 -5.98 40.90 -5.67
N PHE A 466 -6.68 40.25 -4.74
CA PHE A 466 -6.04 39.16 -4.01
C PHE A 466 -5.77 37.98 -4.95
N GLN A 467 -4.58 37.39 -4.83
CA GLN A 467 -4.35 36.14 -5.53
C GLN A 467 -3.65 35.15 -4.61
N PRO A 468 -3.93 33.85 -4.78
CA PRO A 468 -3.27 32.85 -3.95
C PRO A 468 -1.81 32.72 -4.36
N LEU A 469 -0.96 32.32 -3.37
CA LEU A 469 0.46 32.11 -3.56
C LEU A 469 0.74 30.69 -4.07
N PRO A 470 1.77 30.53 -4.91
CA PRO A 470 2.30 29.18 -5.18
C PRO A 470 3.19 28.64 -4.08
N THR A 471 3.32 29.38 -2.97
CA THR A 471 4.10 28.96 -1.81
C THR A 471 3.32 29.11 -0.51
N THR A 472 3.98 28.90 0.63
CA THR A 472 3.33 29.21 1.88
C THR A 472 3.14 30.71 2.00
N GLY A 473 2.21 31.10 2.87
CA GLY A 473 2.02 32.50 3.21
C GLY A 473 0.81 33.10 2.52
N LEU A 474 0.44 34.27 2.96
CA LEU A 474 -0.54 35.07 2.25
C LEU A 474 0.18 36.32 1.81
N SER A 475 -0.28 36.91 0.71
CA SER A 475 0.24 38.18 0.24
C SER A 475 -0.90 39.17 0.13
N PHE A 476 -0.69 40.36 0.68
CA PHE A 476 -1.63 41.46 0.55
C PHE A 476 -0.97 42.67 -0.09
N LEU A 477 0.18 42.45 -0.74
CA LEU A 477 0.80 43.50 -1.54
C LEU A 477 -0.12 43.85 -2.70
N GLY A 478 -0.47 45.13 -2.80
CA GLY A 478 -1.41 45.61 -3.79
C GLY A 478 -2.83 45.15 -3.61
N VAL A 479 -3.18 44.56 -2.47
CA VAL A 479 -4.52 44.01 -2.26
C VAL A 479 -5.36 45.03 -1.50
N GLY A 480 -6.55 45.33 -2.04
CA GLY A 480 -7.44 46.30 -1.46
C GLY A 480 -8.63 45.66 -0.76
N ARG A 481 -9.37 46.51 -0.05
CA ARG A 481 -10.55 46.15 0.74
C ARG A 481 -11.83 46.65 0.07
N THR A 482 -12.98 46.14 0.51
CA THR A 482 -14.28 46.67 0.04
C THR A 482 -15.51 45.99 0.71
N GLY B 1 22.97 -17.95 -4.30
CA GLY B 1 21.74 -18.17 -3.58
C GLY B 1 20.53 -17.47 -4.18
N SER B 2 20.09 -17.90 -5.36
CA SER B 2 18.86 -17.38 -5.95
C SER B 2 17.65 -18.16 -5.39
N THR B 3 16.46 -17.69 -5.76
CA THR B 3 15.24 -18.10 -5.08
C THR B 3 14.05 -18.07 -6.04
N ILE B 4 12.86 -18.38 -5.52
CA ILE B 4 11.65 -18.34 -6.33
C ILE B 4 10.70 -17.31 -5.73
N GLU B 5 9.93 -16.66 -6.61
CA GLU B 5 8.94 -15.67 -6.20
C GLU B 5 7.71 -15.82 -7.08
N ALA B 6 6.57 -16.12 -6.47
CA ALA B 6 5.32 -16.37 -7.18
C ALA B 6 4.22 -15.48 -6.63
N GLY B 7 3.13 -15.36 -7.38
CA GLY B 7 1.98 -14.56 -6.99
C GLY B 7 0.69 -15.35 -6.86
N ILE B 8 0.29 -15.64 -5.63
CA ILE B 8 -0.92 -16.37 -5.33
C ILE B 8 -2.13 -15.44 -5.45
N ALA B 9 -3.30 -15.98 -5.77
CA ALA B 9 -4.50 -15.15 -5.86
C ALA B 9 -5.57 -15.48 -4.82
N TYR B 10 -5.39 -16.53 -3.99
CA TYR B 10 -6.35 -16.85 -2.94
C TYR B 10 -5.90 -16.26 -1.62
N PRO B 11 -6.59 -15.26 -1.07
CA PRO B 11 -6.21 -14.77 0.26
C PRO B 11 -6.30 -15.86 1.31
N ILE B 12 -5.33 -15.86 2.23
CA ILE B 12 -5.30 -16.85 3.31
C ILE B 12 -6.65 -16.87 4.03
N SER B 13 -7.30 -18.03 4.03
CA SER B 13 -8.66 -18.15 4.54
C SER B 13 -8.82 -19.22 5.62
N THR B 14 -7.87 -20.14 5.76
CA THR B 14 -7.80 -21.08 6.88
C THR B 14 -6.37 -21.14 7.34
N GLY B 15 -6.15 -21.73 8.52
CA GLY B 15 -4.78 -21.99 8.92
C GLY B 15 -4.17 -23.11 8.09
N PHE B 16 -3.02 -23.60 8.56
CA PHE B 16 -2.25 -24.59 7.83
C PHE B 16 -2.32 -25.99 8.40
N ASP B 17 -2.97 -26.18 9.56
CA ASP B 17 -3.10 -27.50 10.14
C ASP B 17 -3.83 -28.40 9.15
N PRO B 18 -3.19 -29.43 8.60
CA PRO B 18 -3.87 -30.30 7.64
C PRO B 18 -5.20 -30.82 8.13
N LEU B 19 -5.45 -30.80 9.44
CA LEU B 19 -6.73 -31.28 9.96
C LEU B 19 -7.89 -30.51 9.35
N THR B 20 -7.70 -29.21 9.07
CA THR B 20 -8.83 -28.39 8.61
C THR B 20 -8.44 -27.34 7.57
N SER B 21 -7.31 -27.51 6.86
CA SER B 21 -6.75 -26.45 6.01
C SER B 21 -7.35 -26.52 4.61
N SER B 22 -8.62 -26.14 4.53
CA SER B 22 -9.34 -26.22 3.27
C SER B 22 -9.08 -25.03 2.36
N GLY B 23 -8.59 -23.91 2.90
CA GLY B 23 -8.40 -22.72 2.09
C GLY B 23 -7.34 -22.95 1.02
N ALA B 24 -7.62 -22.45 -0.19
CA ALA B 24 -6.86 -22.88 -1.36
C ALA B 24 -5.36 -22.65 -1.20
N SER B 25 -4.97 -21.44 -0.82
CA SER B 25 -3.54 -21.16 -0.72
C SER B 25 -2.89 -21.95 0.41
N SER B 26 -3.63 -22.22 1.49
CA SER B 26 -3.09 -23.09 2.54
C SER B 26 -2.81 -24.48 1.99
N ALA B 28 -2.17 -25.26 -1.10
CA ALA B 28 -0.99 -25.11 -1.94
C ALA B 28 0.29 -25.13 -1.10
N ALA B 29 0.36 -24.33 -0.03
CA ALA B 29 1.52 -24.34 0.85
C ALA B 29 1.84 -25.75 1.33
N ASN B 30 0.81 -26.51 1.72
CA ASN B 30 1.02 -27.80 2.37
C ASN B 30 1.46 -28.91 1.41
N LEU B 31 1.29 -28.73 0.09
CA LEU B 31 1.94 -29.66 -0.83
C LEU B 31 3.44 -29.64 -0.64
N HIS B 32 3.98 -28.52 -0.17
CA HIS B 32 5.41 -28.32 0.02
C HIS B 32 5.84 -28.52 1.47
N ILE B 33 5.00 -28.11 2.43
CA ILE B 33 5.37 -28.24 3.83
C ILE B 33 5.16 -29.67 4.33
N PHE B 34 4.23 -30.40 3.74
CA PHE B 34 3.81 -31.68 4.31
C PHE B 34 3.94 -32.80 3.31
N GLU B 35 3.78 -34.01 3.83
CA GLU B 35 3.88 -35.24 3.09
C GLU B 35 2.80 -36.19 3.57
N GLY B 36 2.16 -36.88 2.62
CA GLY B 36 1.46 -38.10 2.92
C GLY B 36 2.40 -39.28 2.81
N LEU B 37 1.89 -40.45 3.15
CA LEU B 37 2.62 -41.68 2.84
C LEU B 37 2.89 -41.77 1.35
N VAL B 38 1.81 -41.82 0.56
CA VAL B 38 1.85 -41.64 -0.88
C VAL B 38 1.20 -40.30 -1.16
N ASP B 39 1.74 -39.56 -2.14
CA ASP B 39 1.18 -38.29 -2.59
C ASP B 39 0.83 -38.35 -4.08
N LEU B 40 -0.08 -37.48 -4.48
CA LEU B 40 -0.36 -37.30 -5.90
C LEU B 40 0.46 -36.15 -6.44
N HIS B 41 0.99 -36.31 -7.64
CA HIS B 41 1.69 -35.20 -8.25
C HIS B 41 0.72 -34.06 -8.52
N PRO B 42 1.03 -32.83 -8.11
CA PRO B 42 0.07 -31.73 -8.27
C PRO B 42 -0.38 -31.53 -9.71
N VAL B 43 0.41 -31.99 -10.69
CA VAL B 43 0.15 -31.77 -12.11
C VAL B 43 -0.48 -32.99 -12.76
N THR B 44 0.27 -34.09 -12.74
CA THR B 44 -0.16 -35.33 -13.38
C THR B 44 -1.26 -36.01 -12.61
N ARG B 45 -1.36 -35.74 -11.31
CA ARG B 45 -2.27 -36.40 -10.38
C ARG B 45 -1.98 -37.88 -10.21
N GLN B 46 -0.80 -38.34 -10.67
CA GLN B 46 -0.34 -39.73 -10.52
C GLN B 46 0.28 -39.91 -9.13
N PRO B 47 0.09 -41.07 -8.51
CA PRO B 47 0.65 -41.30 -7.18
C PRO B 47 2.14 -41.52 -7.22
N TYR B 48 2.83 -41.05 -6.17
CA TYR B 48 4.26 -41.30 -6.03
C TYR B 48 4.62 -41.49 -4.56
N LEU B 49 5.61 -42.36 -4.31
CA LEU B 49 6.06 -42.63 -2.95
C LEU B 49 6.60 -41.37 -2.26
N ALA B 50 6.14 -41.12 -1.02
CA ALA B 50 6.55 -39.95 -0.29
C ALA B 50 7.12 -40.44 1.03
N LEU B 51 6.34 -40.42 2.11
CA LEU B 51 6.84 -40.98 3.37
C LEU B 51 6.85 -42.51 3.37
N ALA B 52 6.15 -43.16 2.44
CA ALA B 52 6.28 -44.62 2.35
C ALA B 52 7.62 -45.00 1.72
N ALA B 53 8.27 -46.01 2.30
CA ALA B 53 9.56 -46.46 1.83
C ALA B 53 9.44 -47.38 0.62
N LYS B 54 8.34 -48.11 0.54
CA LYS B 54 8.03 -49.00 -0.55
C LYS B 54 6.60 -48.73 -1.00
N GLU B 55 6.22 -49.30 -2.14
CA GLU B 55 4.79 -49.35 -2.42
C GLU B 55 4.10 -50.08 -1.27
N PRO B 56 2.94 -49.60 -0.83
CA PRO B 56 2.23 -50.29 0.25
C PRO B 56 1.97 -51.74 -0.11
N GLU B 57 2.31 -52.62 0.82
CA GLU B 57 2.20 -54.07 0.62
C GLU B 57 0.84 -54.52 1.14
N GLN B 58 0.06 -55.16 0.27
CA GLN B 58 -1.31 -55.55 0.59
C GLN B 58 -1.30 -57.01 1.01
N LYS B 59 -1.37 -57.25 2.32
CA LYS B 59 -1.54 -58.62 2.79
C LYS B 59 -2.75 -59.26 2.13
N ASP B 60 -3.87 -58.54 2.07
CA ASP B 60 -5.07 -59.10 1.45
C ASP B 60 -6.05 -57.96 1.11
N ASP B 61 -7.25 -58.36 0.68
CA ASP B 61 -8.31 -57.40 0.35
C ASP B 61 -8.47 -56.29 1.39
N LEU B 62 -8.15 -56.56 2.64
CA LEU B 62 -8.46 -55.63 3.71
C LEU B 62 -7.26 -55.10 4.49
N THR B 63 -6.07 -55.69 4.34
CA THR B 63 -4.92 -55.30 5.15
C THR B 63 -3.80 -54.80 4.26
N TYR B 64 -3.28 -53.61 4.58
CA TYR B 64 -2.12 -53.04 3.90
C TYR B 64 -1.03 -52.74 4.92
N TYR B 65 0.22 -52.92 4.51
CA TYR B 65 1.36 -52.63 5.37
C TYR B 65 2.22 -51.58 4.70
N ILE B 66 2.40 -50.44 5.35
CA ILE B 66 3.24 -49.37 4.84
C ILE B 66 4.40 -49.23 5.80
N SER B 67 5.54 -48.80 5.26
CA SER B 67 6.77 -48.68 6.03
C SER B 67 7.42 -47.34 5.77
N LEU B 68 8.08 -46.83 6.79
CA LEU B 68 8.51 -45.44 6.83
C LEU B 68 9.87 -45.24 6.16
N ARG B 69 9.95 -44.23 5.30
CA ARG B 69 11.22 -43.88 4.65
C ARG B 69 12.32 -43.74 5.68
N GLU B 70 13.48 -44.31 5.39
CA GLU B 70 14.59 -44.17 6.32
C GLU B 70 15.01 -42.71 6.43
N GLY B 71 15.22 -42.27 7.68
CA GLY B 71 15.72 -40.92 7.91
C GLY B 71 14.71 -39.84 7.69
N ALA B 72 13.43 -40.16 7.82
CA ALA B 72 12.39 -39.15 7.60
C ALA B 72 12.35 -38.20 8.80
N PHE B 74 11.03 -34.50 10.63
CA PHE B 74 10.23 -33.29 10.71
C PHE B 74 11.15 -32.06 10.75
N HIS B 75 10.56 -30.89 10.48
CA HIS B 75 11.34 -29.68 10.35
C HIS B 75 11.91 -29.20 11.68
N ASP B 76 11.38 -29.66 12.81
CA ASP B 76 11.94 -29.36 14.12
C ASP B 76 13.14 -30.23 14.46
N GLY B 77 13.57 -31.12 13.56
CA GLY B 77 14.72 -31.95 13.75
C GLY B 77 14.41 -33.37 14.19
N SER B 78 13.23 -33.62 14.74
CA SER B 78 12.91 -34.96 15.24
C SER B 78 12.58 -35.89 14.07
N PRO B 79 12.38 -37.17 14.36
CA PRO B 79 12.15 -38.13 13.27
C PRO B 79 10.67 -38.46 13.09
N VAL B 80 10.25 -38.68 11.85
CA VAL B 80 8.88 -39.11 11.60
C VAL B 80 8.70 -40.52 12.17
N THR B 81 7.63 -40.71 12.92
CA THR B 81 7.42 -41.94 13.68
C THR B 81 6.12 -42.62 13.27
N THR B 82 6.10 -43.95 13.42
CA THR B 82 4.86 -44.70 13.21
C THR B 82 3.74 -44.19 14.13
N GLU B 83 4.08 -43.80 15.37
CA GLU B 83 3.09 -43.18 16.25
C GLU B 83 2.50 -41.91 15.62
N ASP B 84 3.33 -41.12 14.93
CA ASP B 84 2.87 -39.93 14.24
C ASP B 84 1.96 -40.26 13.06
N VAL B 85 2.18 -41.39 12.41
CA VAL B 85 1.23 -41.82 11.39
C VAL B 85 -0.12 -42.13 12.01
N VAL B 86 -0.14 -42.99 13.05
CA VAL B 86 -1.40 -43.34 13.70
C VAL B 86 -2.13 -42.09 14.18
N TYR B 87 -1.40 -41.12 14.73
CA TYR B 87 -2.03 -39.89 15.21
C TYR B 87 -2.70 -39.13 14.07
N SER B 88 -1.98 -38.98 12.92
CA SER B 88 -2.49 -38.20 11.80
C SER B 88 -3.81 -38.76 11.29
N PHE B 89 -3.92 -40.10 11.23
CA PHE B 89 -5.16 -40.72 10.82
C PHE B 89 -6.21 -40.75 11.94
N GLU B 90 -5.79 -41.10 13.15
CA GLU B 90 -6.74 -41.18 14.25
C GLU B 90 -7.44 -39.86 14.46
N ARG B 91 -6.68 -38.75 14.45
CA ARG B 91 -7.29 -37.47 14.72
C ARG B 91 -8.31 -37.10 13.64
N VAL B 92 -8.03 -37.47 12.39
CA VAL B 92 -8.95 -37.12 11.30
C VAL B 92 -10.29 -37.83 11.52
N LEU B 93 -10.25 -39.11 11.89
CA LEU B 93 -11.44 -39.91 12.12
C LEU B 93 -12.12 -39.63 13.46
N ASP B 94 -11.44 -38.97 14.38
CA ASP B 94 -12.03 -38.63 15.67
C ASP B 94 -13.11 -37.57 15.50
N PRO B 95 -14.40 -37.89 15.71
CA PRO B 95 -15.45 -36.86 15.52
C PRO B 95 -15.18 -35.60 16.32
N ALA B 96 -14.66 -35.73 17.53
CA ALA B 96 -14.44 -34.56 18.37
C ALA B 96 -13.38 -33.62 17.80
N LYS B 97 -12.46 -34.10 16.95
CA LYS B 97 -11.45 -33.17 16.48
C LYS B 97 -11.97 -32.20 15.42
N ALA B 98 -13.23 -32.34 15.02
CA ALA B 98 -13.90 -31.43 14.11
C ALA B 98 -13.15 -31.29 12.77
N SER B 99 -12.72 -32.42 12.21
CA SER B 99 -11.94 -32.40 10.98
C SER B 99 -12.84 -32.16 9.77
N LEU B 100 -12.27 -31.51 8.75
CA LEU B 100 -12.99 -31.29 7.51
C LEU B 100 -12.83 -32.41 6.49
N PHE B 101 -12.10 -33.49 6.81
CA PHE B 101 -11.71 -34.44 5.77
C PHE B 101 -11.99 -35.92 6.06
N ALA B 102 -12.64 -36.26 7.18
CA ALA B 102 -12.84 -37.68 7.45
C ALA B 102 -13.65 -38.36 6.35
N GLN B 103 -14.49 -37.61 5.64
CA GLN B 103 -15.30 -38.22 4.60
C GLN B 103 -14.48 -38.67 3.38
N PHE B 104 -13.15 -38.50 3.41
CA PHE B 104 -12.33 -39.04 2.34
C PHE B 104 -11.71 -40.39 2.67
N ILE B 105 -11.75 -40.83 3.92
CA ILE B 105 -11.26 -42.15 4.31
C ILE B 105 -12.35 -42.91 5.07
N PRO B 106 -13.57 -43.04 4.55
CA PRO B 106 -14.59 -43.81 5.27
C PRO B 106 -14.29 -45.31 5.30
N PHE B 107 -13.36 -45.77 4.48
CA PHE B 107 -13.04 -47.18 4.34
C PHE B 107 -11.97 -47.65 5.30
N ILE B 108 -11.44 -46.77 6.16
CA ILE B 108 -10.35 -47.11 7.07
C ILE B 108 -10.93 -47.57 8.40
N ALA B 109 -10.74 -48.85 8.73
CA ALA B 109 -11.24 -49.36 9.99
C ALA B 109 -10.27 -49.17 11.14
N SER B 110 -8.97 -49.32 10.89
CA SER B 110 -7.99 -49.18 11.97
C SER B 110 -6.63 -48.86 11.38
N VAL B 111 -5.84 -48.13 12.15
CA VAL B 111 -4.44 -47.86 11.79
C VAL B 111 -3.60 -48.14 13.02
N THR B 112 -2.64 -49.04 12.89
CA THR B 112 -1.92 -49.59 14.04
C THR B 112 -0.43 -49.55 13.77
N ALA B 113 0.32 -48.91 14.66
CA ALA B 113 1.76 -49.05 14.63
C ALA B 113 2.15 -50.48 15.02
N LEU B 114 3.04 -51.09 14.24
CA LEU B 114 3.50 -52.45 14.43
C LEU B 114 4.89 -52.52 15.05
N ASP B 115 5.80 -51.65 14.63
CA ASP B 115 7.09 -51.46 15.26
C ASP B 115 7.58 -50.07 14.87
N ASP B 116 8.85 -49.78 15.12
CA ASP B 116 9.19 -48.39 14.83
CA ASP B 116 9.42 -48.47 14.79
C ASP B 116 9.30 -48.10 13.31
N ASN B 117 8.83 -49.02 12.44
CA ASN B 117 8.84 -48.70 11.02
C ASN B 117 7.68 -49.24 10.19
N VAL B 118 6.86 -50.20 10.64
CA VAL B 118 5.73 -50.67 9.85
C VAL B 118 4.42 -50.29 10.52
N VAL B 119 3.46 -49.86 9.69
CA VAL B 119 2.14 -49.47 10.15
C VAL B 119 1.13 -50.32 9.41
N GLU B 120 0.18 -50.88 10.14
CA GLU B 120 -0.85 -51.71 9.55
C GLU B 120 -2.13 -50.92 9.32
N PHE B 121 -2.70 -51.08 8.13
CA PHE B 121 -3.91 -50.38 7.70
C PHE B 121 -4.99 -51.41 7.44
N LYS B 122 -6.05 -51.39 8.26
CA LYS B 122 -7.17 -52.33 8.16
C LYS B 122 -8.39 -51.62 7.60
N LEU B 123 -8.92 -52.12 6.48
CA LEU B 123 -10.02 -51.47 5.77
C LEU B 123 -11.33 -52.18 6.05
N LYS B 124 -12.40 -51.39 6.15
CA LYS B 124 -13.73 -51.97 6.38
C LYS B 124 -14.17 -52.82 5.18
N TYR B 125 -14.08 -52.27 3.98
CA TYR B 125 -14.36 -53.00 2.75
C TYR B 125 -13.16 -52.85 1.84
N PRO B 126 -13.03 -53.73 0.84
CA PRO B 126 -11.99 -53.53 -0.17
C PRO B 126 -12.18 -52.17 -0.83
N PHE B 127 -11.07 -51.57 -1.26
CA PHE B 127 -11.16 -50.25 -1.85
C PHE B 127 -9.92 -50.00 -2.72
N ALA B 128 -10.10 -50.05 -4.04
CA ALA B 128 -8.95 -50.05 -4.95
C ALA B 128 -8.16 -48.73 -4.91
N LEU B 129 -8.78 -47.61 -4.55
CA LEU B 129 -8.09 -46.32 -4.59
C LEU B 129 -7.37 -45.98 -3.28
N PHE B 130 -7.15 -46.97 -2.41
CA PHE B 130 -6.53 -46.72 -1.10
C PHE B 130 -5.25 -45.91 -1.26
N LYS B 131 -4.27 -46.44 -1.99
CA LYS B 131 -3.02 -45.72 -2.23
C LYS B 131 -3.28 -44.24 -2.53
N GLU B 132 -4.08 -43.99 -3.59
CA GLU B 132 -4.30 -42.62 -4.08
C GLU B 132 -4.91 -41.71 -3.03
N ARG B 133 -5.66 -42.26 -2.08
CA ARG B 133 -6.29 -41.42 -1.07
C ARG B 133 -5.32 -41.00 0.01
N LEU B 134 -4.19 -41.70 0.16
CA LEU B 134 -3.25 -41.40 1.24
C LEU B 134 -2.76 -39.96 1.18
N THR B 135 -2.72 -39.37 -0.01
CA THR B 135 -2.18 -38.01 -0.15
C THR B 135 -2.97 -37.02 0.69
N ILE B 136 -4.24 -37.34 0.97
CA ILE B 136 -5.10 -36.42 1.69
C ILE B 136 -4.69 -36.29 3.15
N ILE B 137 -4.05 -37.32 3.72
CA ILE B 137 -3.76 -37.38 5.15
C ILE B 137 -2.28 -37.12 5.34
N LYS B 138 -1.91 -35.85 5.47
CA LYS B 138 -0.51 -35.52 5.72
C LYS B 138 -0.11 -36.03 7.10
N ILE B 139 1.15 -36.44 7.24
CA ILE B 139 1.67 -36.90 8.52
C ILE B 139 2.15 -35.70 9.32
N VAL B 140 1.57 -35.49 10.50
CA VAL B 140 1.92 -34.33 11.31
C VAL B 140 2.71 -34.79 12.54
N PRO B 141 3.50 -33.92 13.15
CA PRO B 141 4.22 -34.31 14.35
C PRO B 141 3.35 -34.33 15.60
N LYS B 142 2.93 -35.52 16.05
CA LYS B 142 2.06 -35.61 17.22
C LYS B 142 2.57 -34.80 18.40
N HIS B 143 3.89 -34.73 18.59
CA HIS B 143 4.41 -34.07 19.79
C HIS B 143 4.28 -32.57 19.70
N ILE B 144 4.21 -31.99 18.50
CA ILE B 144 3.99 -30.55 18.38
C ILE B 144 2.51 -30.22 18.41
N VAL B 145 1.68 -31.06 17.79
CA VAL B 145 0.25 -30.80 17.79
C VAL B 145 -0.29 -30.80 19.20
N GLU B 146 0.17 -31.76 20.02
CA GLU B 146 -0.35 -31.92 21.37
C GLU B 146 0.10 -30.84 22.34
N ALA B 147 1.03 -29.96 21.95
CA ALA B 147 1.36 -28.82 22.79
C ALA B 147 0.52 -27.59 22.51
N GLY B 148 -0.34 -27.64 21.49
CA GLY B 148 -1.11 -26.49 21.08
C GLY B 148 -1.49 -26.56 19.62
N GLN B 149 -2.68 -27.11 19.36
CA GLN B 149 -3.19 -27.21 18.00
C GLN B 149 -3.15 -25.88 17.27
N SER B 150 -3.53 -24.80 17.94
CA SER B 150 -3.70 -23.55 17.23
C SER B 150 -2.36 -22.89 16.96
N ALA B 151 -1.34 -23.19 17.77
CA ALA B 151 0.02 -22.79 17.43
C ALA B 151 0.52 -23.58 16.24
N PHE B 152 0.22 -24.88 16.19
CA PHE B 152 0.57 -25.67 15.02
C PHE B 152 -0.12 -25.10 13.79
N ASP B 153 -1.42 -24.84 13.91
CA ASP B 153 -2.22 -24.38 12.79
C ASP B 153 -1.64 -23.12 12.19
N ALA B 154 -0.89 -22.37 12.99
CA ALA B 154 -0.39 -21.06 12.60
C ALA B 154 1.07 -21.08 12.16
N LYS B 155 1.84 -22.08 12.62
CA LYS B 155 3.24 -22.25 12.21
C LYS B 155 3.45 -23.73 11.93
N PRO B 156 2.95 -24.21 10.79
CA PRO B 156 2.98 -25.65 10.54
C PRO B 156 4.39 -26.20 10.52
N ILE B 157 4.50 -27.46 10.89
CA ILE B 157 5.77 -28.17 10.97
C ILE B 157 5.55 -29.56 10.41
N GLY B 158 6.11 -29.83 9.22
CA GLY B 158 5.99 -31.09 8.52
C GLY B 158 7.33 -31.63 8.08
N SER B 159 7.32 -32.41 6.98
CA SER B 159 8.53 -33.03 6.45
C SER B 159 8.72 -32.84 4.96
N GLY B 160 7.89 -32.05 4.30
CA GLY B 160 8.06 -31.78 2.90
C GLY B 160 9.34 -31.06 2.58
N PRO B 161 9.66 -30.96 1.31
CA PRO B 161 10.95 -30.41 0.91
C PRO B 161 11.10 -28.95 1.28
N TYR B 162 10.06 -28.35 1.85
CA TYR B 162 10.11 -26.97 2.29
C TYR B 162 9.61 -26.84 3.73
N LYS B 163 10.24 -25.95 4.49
CA LYS B 163 9.83 -25.66 5.85
C LYS B 163 9.21 -24.26 5.89
N PHE B 164 8.19 -24.11 6.71
CA PHE B 164 7.46 -22.84 6.82
C PHE B 164 8.28 -21.84 7.62
N VAL B 165 8.16 -20.57 7.26
CA VAL B 165 8.94 -19.54 7.93
C VAL B 165 8.05 -18.42 8.46
N SER B 166 7.12 -17.93 7.64
CA SER B 166 6.23 -16.85 8.08
C SER B 166 5.03 -16.77 7.13
N ALA B 167 4.01 -16.03 7.57
CA ALA B 167 2.82 -15.78 6.76
C ALA B 167 2.11 -14.55 7.30
N THR B 168 1.81 -13.60 6.42
CA THR B 168 1.21 -12.33 6.83
C THR B 168 0.10 -11.98 5.85
N LYS B 169 -1.09 -11.71 6.38
CA LYS B 169 -2.24 -11.41 5.55
C LYS B 169 -1.93 -10.26 4.59
N ASP B 170 -2.38 -10.38 3.35
CA ASP B 170 -2.20 -9.36 2.33
C ASP B 170 -0.72 -9.05 2.06
N ASP B 171 0.19 -9.93 2.49
CA ASP B 171 1.62 -9.74 2.28
C ASP B 171 2.15 -10.99 1.61
N ARG B 172 2.77 -11.91 2.35
CA ARG B 172 3.39 -13.05 1.69
C ARG B 172 3.46 -14.27 2.60
N ILE B 173 3.64 -15.43 1.96
CA ILE B 173 4.03 -16.68 2.63
C ILE B 173 5.50 -16.95 2.26
N VAL B 174 6.32 -17.24 3.27
CA VAL B 174 7.76 -17.40 3.08
C VAL B 174 8.16 -18.84 3.42
N PHE B 175 8.75 -19.51 2.45
CA PHE B 175 9.34 -20.83 2.67
C PHE B 175 10.85 -20.74 2.59
N GLU B 176 11.52 -21.62 3.33
CA GLU B 176 12.91 -21.93 3.09
C GLU B 176 13.05 -23.45 2.99
N ALA B 177 14.15 -23.88 2.38
CA ALA B 177 14.29 -25.28 2.00
C ALA B 177 14.47 -26.17 3.24
N ASN B 178 14.13 -27.45 3.08
CA ASN B 178 14.31 -28.43 4.14
C ASN B 178 15.55 -29.27 3.80
N THR B 179 16.70 -28.90 4.39
CA THR B 179 17.97 -29.50 4.03
C THR B 179 18.15 -30.94 4.52
N VAL B 180 17.18 -31.54 5.19
CA VAL B 180 17.26 -32.95 5.56
C VAL B 180 16.16 -33.77 4.89
N TYR B 181 15.48 -33.20 3.91
CA TYR B 181 14.49 -33.95 3.17
C TYR B 181 15.20 -34.98 2.31
N ASN B 182 14.77 -36.24 2.38
CA ASN B 182 15.27 -37.30 1.51
C ASN B 182 14.14 -38.04 0.80
N GLY B 183 13.13 -37.30 0.33
CA GLY B 183 12.13 -37.82 -0.59
C GLY B 183 12.51 -37.52 -2.03
N HIS B 184 11.50 -37.50 -2.93
CA HIS B 184 11.78 -37.45 -4.37
C HIS B 184 11.92 -36.05 -4.95
N TYR B 185 11.29 -35.03 -4.37
CA TYR B 185 11.19 -33.70 -5.01
C TYR B 185 11.86 -32.63 -4.17
N PRO B 186 13.14 -32.80 -3.82
CA PRO B 186 13.80 -31.86 -2.90
C PRO B 186 13.76 -30.44 -3.42
N ALA B 187 13.86 -29.51 -2.48
CA ALA B 187 13.78 -28.10 -2.84
C ALA B 187 14.88 -27.77 -3.83
N LYS B 188 14.58 -26.88 -4.78
CA LYS B 188 15.57 -26.49 -5.77
C LYS B 188 16.05 -25.05 -5.58
N VAL B 189 15.53 -24.31 -4.61
CA VAL B 189 16.02 -22.97 -4.32
C VAL B 189 16.04 -22.79 -2.79
N GLU B 190 16.92 -21.91 -2.32
CA GLU B 190 17.13 -21.81 -0.87
C GLU B 190 15.95 -21.14 -0.19
N LYS B 191 15.30 -20.19 -0.85
CA LYS B 191 14.18 -19.46 -0.27
C LYS B 191 13.08 -19.26 -1.30
N THR B 193 9.12 -17.28 -1.95
CA THR B 193 8.20 -16.26 -1.47
C THR B 193 6.92 -16.25 -2.31
N TRP B 194 5.77 -16.46 -1.67
CA TRP B 194 4.46 -16.35 -2.32
C TRP B 194 3.81 -15.05 -1.89
N PHE B 195 3.64 -14.13 -2.83
CA PHE B 195 2.95 -12.88 -2.57
C PHE B 195 1.46 -13.10 -2.68
N LEU B 196 0.72 -12.80 -1.63
CA LEU B 196 -0.74 -12.89 -1.64
C LEU B 196 -1.29 -11.67 -2.35
N LEU B 197 -1.51 -11.82 -3.67
CA LEU B 197 -2.06 -10.78 -4.54
C LEU B 197 -3.47 -11.17 -4.96
N SER B 198 -4.45 -10.84 -4.12
CA SER B 198 -5.85 -11.07 -4.50
C SER B 198 -6.33 -10.02 -5.48
N ASP B 199 -5.76 -8.83 -5.42
CA ASP B 199 -6.09 -7.79 -6.38
C ASP B 199 -5.59 -8.23 -7.75
N ASP B 200 -6.49 -8.27 -8.73
CA ASP B 200 -6.12 -8.77 -10.06
C ASP B 200 -4.95 -7.98 -10.65
N ALA B 201 -5.15 -6.68 -10.84
CA ALA B 201 -4.13 -5.86 -11.48
C ALA B 201 -2.78 -6.12 -10.84
N ALA B 202 -2.74 -6.12 -9.51
CA ALA B 202 -1.49 -6.28 -8.79
C ALA B 202 -0.82 -7.59 -9.19
N ARG B 203 -1.62 -8.63 -9.39
CA ARG B 203 -1.07 -9.93 -9.69
C ARG B 203 -0.56 -9.98 -11.13
N VAL B 204 -1.31 -9.39 -12.07
CA VAL B 204 -0.87 -9.31 -13.46
C VAL B 204 0.42 -8.48 -13.56
N THR B 205 0.45 -7.33 -12.86
CA THR B 205 1.61 -6.45 -12.89
C THR B 205 2.85 -7.06 -12.26
N ALA B 206 2.67 -8.00 -11.34
CA ALA B 206 3.83 -8.66 -10.77
C ALA B 206 4.52 -9.56 -11.80
N GLN B 207 3.74 -10.18 -12.69
CA GLN B 207 4.31 -11.07 -13.70
C GLN B 207 4.90 -10.26 -14.85
N GLU B 208 4.20 -9.21 -15.26
CA GLU B 208 4.68 -8.36 -16.35
C GLU B 208 5.87 -7.53 -15.92
N SER B 209 5.92 -7.10 -14.66
CA SER B 209 7.08 -6.40 -14.12
C SER B 209 8.28 -7.31 -13.87
N GLY B 210 8.12 -8.62 -13.96
CA GLY B 210 9.19 -9.53 -13.62
C GLY B 210 9.35 -9.76 -12.14
N ARG B 211 8.52 -9.09 -11.32
CA ARG B 211 8.61 -9.22 -9.87
C ARG B 211 8.42 -10.66 -9.39
N VAL B 212 7.61 -11.45 -10.11
CA VAL B 212 7.44 -12.87 -9.83
C VAL B 212 7.67 -13.66 -11.10
N GLN B 213 7.95 -14.95 -10.93
CA GLN B 213 8.20 -15.85 -12.03
C GLN B 213 6.94 -16.55 -12.55
N ALA B 214 5.77 -16.22 -12.00
CA ALA B 214 4.56 -16.99 -12.30
C ALA B 214 3.45 -16.52 -11.39
N ILE B 215 2.22 -16.56 -11.88
CA ILE B 215 1.06 -16.19 -11.09
C ILE B 215 -0.06 -17.21 -11.31
N GLU B 216 -0.65 -17.68 -10.21
CA GLU B 216 -1.87 -18.46 -10.28
C GLU B 216 -3.01 -17.59 -10.81
N SER B 217 -4.01 -18.25 -11.40
CA SER B 217 -5.27 -17.61 -11.82
C SER B 217 -5.07 -16.29 -12.56
N VAL B 218 -4.84 -16.36 -13.85
CA VAL B 218 -4.59 -15.15 -14.65
C VAL B 218 -5.93 -14.56 -15.05
N PRO B 219 -6.19 -13.27 -14.78
CA PRO B 219 -7.44 -12.67 -15.26
C PRO B 219 -7.57 -12.83 -16.75
N TYR B 220 -8.79 -13.18 -17.19
CA TYR B 220 -8.96 -13.62 -18.57
C TYR B 220 -8.65 -12.51 -19.56
N LEU B 221 -8.85 -11.24 -19.19
CA LEU B 221 -8.60 -10.15 -20.14
C LEU B 221 -7.11 -9.99 -20.40
N ASP B 222 -6.30 -10.09 -19.35
CA ASP B 222 -4.86 -9.87 -19.46
C ASP B 222 -4.10 -11.10 -19.95
N ALA B 223 -4.79 -12.19 -20.29
CA ALA B 223 -4.09 -13.42 -20.65
C ALA B 223 -3.34 -13.26 -21.95
N GLU B 224 -3.98 -12.68 -22.97
CA GLU B 224 -3.31 -12.50 -24.25
C GLU B 224 -2.17 -11.51 -24.12
N ARG B 225 -2.37 -10.42 -23.38
CA ARG B 225 -1.33 -9.41 -23.24
C ARG B 225 -0.07 -9.99 -22.59
N LEU B 226 -0.25 -10.91 -21.64
CA LEU B 226 0.90 -11.52 -20.99
C LEU B 226 1.60 -12.55 -21.88
N LYS B 227 1.04 -12.84 -23.05
CA LYS B 227 1.66 -13.82 -23.94
C LYS B 227 2.86 -13.24 -24.69
N ARG B 228 2.88 -11.93 -24.92
CA ARG B 228 4.05 -11.29 -25.52
C ARG B 228 5.34 -11.74 -24.86
N LYS B 229 5.32 -11.94 -23.54
CA LYS B 229 6.54 -12.19 -22.81
C LYS B 229 6.53 -13.43 -21.93
N ASN B 230 5.38 -14.08 -21.72
CA ASN B 230 5.32 -15.25 -20.86
C ASN B 230 4.42 -16.30 -21.48
N ASN B 231 4.66 -17.54 -21.07
CA ASN B 231 3.71 -18.63 -21.36
C ASN B 231 2.42 -18.43 -20.57
N VAL B 232 1.30 -18.74 -21.19
CA VAL B 232 0.00 -18.61 -20.54
C VAL B 232 -0.87 -19.79 -20.97
N GLU B 233 -1.03 -20.80 -20.12
CA GLU B 233 -1.76 -22.00 -20.49
C GLU B 233 -3.06 -22.13 -19.68
N SER B 234 -4.17 -22.35 -20.38
CA SER B 234 -5.49 -22.47 -19.79
C SER B 234 -5.87 -23.95 -19.68
N VAL B 235 -5.91 -24.45 -18.45
CA VAL B 235 -6.12 -25.87 -18.19
C VAL B 235 -7.59 -26.10 -17.83
N GLN B 236 -8.17 -27.15 -18.39
CA GLN B 236 -9.53 -27.55 -18.03
C GLN B 236 -9.55 -27.98 -16.58
N SER B 237 -10.63 -27.66 -15.87
CA SER B 237 -10.63 -27.91 -14.43
C SER B 237 -12.03 -28.28 -13.93
N PHE B 238 -12.04 -28.94 -12.79
CA PHE B 238 -13.27 -29.14 -12.05
C PHE B 238 -13.63 -27.92 -11.21
N GLY B 239 -12.66 -27.08 -10.85
CA GLY B 239 -12.93 -25.86 -10.13
C GLY B 239 -14.14 -25.13 -10.67
N LEU B 240 -15.04 -24.73 -9.78
CA LEU B 240 -16.35 -24.27 -10.19
C LEU B 240 -16.81 -23.15 -9.27
N LEU B 241 -17.82 -22.42 -9.76
CA LEU B 241 -18.63 -21.50 -8.96
C LEU B 241 -19.93 -22.20 -8.60
N PHE B 242 -20.22 -22.36 -7.31
CA PHE B 242 -21.44 -23.07 -6.92
C PHE B 242 -22.44 -22.14 -6.26
N LEU B 243 -23.64 -22.70 -6.05
CA LEU B 243 -24.79 -22.03 -5.45
C LEU B 243 -25.32 -22.90 -4.32
N PHE B 245 -27.70 -23.31 -0.74
CA PHE B 245 -28.83 -22.86 0.04
C PHE B 245 -28.74 -23.38 1.46
N ASN B 246 -29.14 -22.55 2.41
CA ASN B 246 -29.48 -23.00 3.76
C ASN B 246 -30.81 -23.73 3.69
N CYS B 247 -30.77 -25.04 3.55
CA CYS B 247 -31.99 -25.79 3.24
C CYS B 247 -32.93 -25.94 4.44
N GLU B 248 -32.74 -25.12 5.47
CA GLU B 248 -33.49 -25.10 6.73
C GLU B 248 -34.48 -23.94 6.80
N LYS B 249 -34.29 -22.90 6.00
CA LYS B 249 -35.06 -21.66 6.07
C LYS B 249 -36.00 -21.55 4.87
N ALA B 250 -37.30 -21.47 5.13
CA ALA B 250 -38.25 -21.33 4.04
C ALA B 250 -38.06 -19.99 3.32
N PRO B 251 -38.33 -19.94 1.99
CA PRO B 251 -38.81 -20.99 1.09
C PRO B 251 -37.67 -21.85 0.52
N PHE B 252 -36.46 -21.66 1.04
CA PHE B 252 -35.30 -22.32 0.46
C PHE B 252 -35.22 -23.79 0.80
N ASP B 253 -36.13 -24.27 1.66
CA ASP B 253 -36.30 -25.70 1.85
C ASP B 253 -37.15 -26.35 0.78
N ASN B 254 -37.72 -25.56 -0.12
CA ASN B 254 -38.50 -26.12 -1.22
C ASN B 254 -37.61 -26.28 -2.44
N PRO B 255 -37.38 -27.51 -2.92
CA PRO B 255 -36.49 -27.68 -4.08
C PRO B 255 -37.00 -27.01 -5.36
N LYS B 256 -38.31 -26.77 -5.51
CA LYS B 256 -38.81 -25.99 -6.64
C LYS B 256 -38.23 -24.58 -6.65
N VAL B 257 -38.06 -23.96 -5.48
CA VAL B 257 -37.50 -22.61 -5.42
C VAL B 257 -36.01 -22.63 -5.76
N ARG B 258 -35.28 -23.66 -5.29
CA ARG B 258 -33.86 -23.75 -5.60
C ARG B 258 -33.64 -24.03 -7.09
N GLN B 259 -34.47 -24.88 -7.69
CA GLN B 259 -34.44 -25.03 -9.15
C GLN B 259 -34.68 -23.69 -9.84
N ALA B 260 -35.71 -22.96 -9.43
CA ALA B 260 -36.06 -21.74 -10.15
C ALA B 260 -34.91 -20.73 -10.14
N LEU B 261 -34.19 -20.62 -9.03
CA LEU B 261 -33.12 -19.62 -8.98
C LEU B 261 -31.98 -20.00 -9.92
N HIS B 262 -31.83 -21.30 -10.22
CA HIS B 262 -30.90 -21.74 -11.25
C HIS B 262 -31.43 -21.38 -12.64
N TYR B 263 -32.66 -21.84 -12.94
CA TYR B 263 -33.29 -21.53 -14.22
C TYR B 263 -33.25 -20.04 -14.56
N ALA B 264 -33.33 -19.18 -13.54
CA ALA B 264 -33.36 -17.75 -13.79
C ALA B 264 -32.00 -17.19 -14.19
N LEU B 265 -30.92 -17.95 -13.96
CA LEU B 265 -29.58 -17.43 -14.22
C LEU B 265 -29.19 -17.62 -15.69
N ASP B 266 -28.59 -16.57 -16.24
CA ASP B 266 -28.18 -16.52 -17.63
C ASP B 266 -26.71 -16.91 -17.71
N LYS B 267 -26.45 -18.21 -17.92
CA LYS B 267 -25.09 -18.73 -17.83
C LYS B 267 -24.25 -18.27 -19.02
N GLN B 268 -24.85 -18.21 -20.21
CA GLN B 268 -24.10 -17.81 -21.39
C GLN B 268 -23.61 -16.37 -21.28
N LYS B 269 -24.43 -15.47 -20.73
CA LYS B 269 -23.96 -14.10 -20.55
C LYS B 269 -22.82 -14.02 -19.55
N LEU B 270 -22.81 -14.89 -18.55
CA LEU B 270 -21.68 -14.94 -17.62
C LEU B 270 -20.42 -15.41 -18.32
N ILE B 271 -20.52 -16.52 -19.06
CA ILE B 271 -19.37 -17.07 -19.75
C ILE B 271 -18.77 -16.04 -20.70
N ASP B 272 -19.62 -15.27 -21.38
CA ASP B 272 -19.12 -14.30 -22.34
C ASP B 272 -18.42 -13.14 -21.65
N ILE B 273 -19.09 -12.51 -20.68
CA ILE B 273 -18.54 -11.30 -20.08
C ILE B 273 -17.36 -11.63 -19.18
N VAL B 274 -17.58 -12.50 -18.18
CA VAL B 274 -16.58 -12.72 -17.15
C VAL B 274 -15.45 -13.60 -17.66
N PHE B 275 -15.79 -14.76 -18.20
CA PHE B 275 -14.78 -15.77 -18.52
C PHE B 275 -14.29 -15.71 -19.96
N LEU B 276 -14.91 -14.86 -20.80
CA LEU B 276 -14.55 -14.74 -22.21
C LEU B 276 -14.53 -16.11 -22.88
N GLY B 277 -15.59 -16.88 -22.62
CA GLY B 277 -15.77 -18.19 -23.21
C GLY B 277 -15.12 -19.34 -22.46
N ASN B 278 -14.18 -19.04 -21.55
CA ASN B 278 -13.41 -20.05 -20.84
C ASN B 278 -14.13 -20.63 -19.64
N ALA B 279 -15.37 -21.05 -19.84
CA ALA B 279 -16.09 -21.78 -18.82
C ALA B 279 -17.30 -22.44 -19.46
N LYS B 280 -17.87 -23.38 -18.73
CA LYS B 280 -18.95 -24.21 -19.24
C LYS B 280 -20.03 -24.31 -18.17
N ALA B 281 -21.17 -23.68 -18.45
CA ALA B 281 -22.37 -23.92 -17.67
C ALA B 281 -22.46 -25.39 -17.30
N ALA B 282 -22.73 -25.65 -16.02
CA ALA B 282 -22.75 -27.04 -15.57
C ALA B 282 -23.83 -27.79 -16.32
N THR B 283 -23.48 -28.96 -16.84
CA THR B 283 -24.48 -29.87 -17.38
C THR B 283 -24.56 -31.15 -16.55
N SER B 284 -23.86 -31.18 -15.43
CA SER B 284 -23.81 -32.33 -14.53
C SER B 284 -22.93 -31.93 -13.35
N TYR B 285 -22.68 -32.87 -12.45
CA TYR B 285 -21.85 -32.57 -11.28
C TYR B 285 -20.38 -32.42 -11.66
N LEU B 286 -19.90 -33.24 -12.59
CA LEU B 286 -18.56 -33.07 -13.12
C LEU B 286 -18.56 -32.14 -14.34
N GLN B 287 -17.39 -31.59 -14.66
CA GLN B 287 -17.25 -30.93 -15.96
C GLN B 287 -17.20 -32.00 -17.05
N ASP B 288 -17.53 -31.59 -18.29
CA ASP B 288 -17.81 -32.61 -19.31
C ASP B 288 -16.53 -33.19 -19.93
N THR B 289 -15.37 -32.64 -19.62
CA THR B 289 -14.11 -33.25 -19.99
C THR B 289 -13.57 -34.20 -18.90
N HIS B 290 -14.29 -34.38 -17.82
CA HIS B 290 -13.88 -35.39 -16.86
C HIS B 290 -14.27 -36.77 -17.38
N PRO B 291 -13.40 -37.77 -17.21
CA PRO B 291 -13.66 -39.09 -17.81
C PRO B 291 -14.88 -39.80 -17.25
N ASP B 292 -15.29 -39.48 -16.02
CA ASP B 292 -16.51 -40.06 -15.50
C ASP B 292 -17.73 -39.21 -15.75
N TYR B 293 -17.57 -38.09 -16.45
CA TYR B 293 -18.71 -37.26 -16.79
C TYR B 293 -19.80 -38.08 -17.48
N VAL B 294 -21.03 -37.90 -17.02
CA VAL B 294 -22.23 -38.39 -17.66
C VAL B 294 -23.30 -37.34 -17.39
N LYS B 295 -23.90 -36.81 -18.44
CA LYS B 295 -24.88 -35.75 -18.25
C LYS B 295 -25.90 -36.15 -17.20
N ALA B 296 -26.41 -35.16 -16.46
CA ALA B 296 -27.37 -35.39 -15.39
C ALA B 296 -28.80 -35.19 -15.90
N SER B 297 -29.75 -35.88 -15.25
CA SER B 297 -31.12 -35.84 -15.76
C SER B 297 -31.75 -34.46 -15.69
N SER B 298 -31.21 -33.55 -14.88
CA SER B 298 -31.71 -32.18 -14.74
C SER B 298 -30.70 -31.20 -15.34
N GLN B 299 -31.23 -30.18 -16.02
CA GLN B 299 -30.43 -29.11 -16.64
C GLN B 299 -31.04 -27.77 -16.28
N TYR B 300 -30.20 -26.75 -16.15
CA TYR B 300 -30.70 -25.44 -15.70
C TYR B 300 -30.31 -24.35 -16.69
N ASP B 301 -30.56 -24.60 -17.97
CA ASP B 301 -30.28 -23.60 -18.99
C ASP B 301 -31.26 -22.43 -18.84
N TYR B 302 -30.71 -21.22 -18.93
CA TYR B 302 -31.45 -19.98 -18.72
C TYR B 302 -32.86 -20.06 -19.28
N ASP B 303 -33.86 -19.95 -18.38
CA ASP B 303 -35.27 -19.97 -18.79
C ASP B 303 -36.07 -19.15 -17.77
N LYS B 304 -36.14 -17.83 -18.03
CA LYS B 304 -36.76 -16.92 -17.06
C LYS B 304 -38.22 -17.27 -16.82
N ALA B 305 -38.92 -17.73 -17.86
CA ALA B 305 -40.35 -18.02 -17.71
C ALA B 305 -40.58 -19.25 -16.83
N LYS B 306 -39.74 -20.27 -16.97
CA LYS B 306 -39.83 -21.42 -16.08
C LYS B 306 -39.60 -20.99 -14.63
N ALA B 307 -38.50 -20.28 -14.40
CA ALA B 307 -38.24 -19.72 -13.08
C ALA B 307 -39.51 -19.11 -12.49
N GLU B 308 -40.16 -18.21 -13.23
CA GLU B 308 -41.35 -17.55 -12.73
C GLU B 308 -42.46 -18.55 -12.44
N LYS B 309 -42.67 -19.51 -13.34
CA LYS B 309 -43.75 -20.44 -13.11
C LYS B 309 -43.48 -21.29 -11.88
N LEU B 310 -42.23 -21.75 -11.73
CA LEU B 310 -41.87 -22.56 -10.56
C LEU B 310 -42.10 -21.78 -9.27
N LEU B 311 -41.70 -20.51 -9.24
CA LEU B 311 -41.94 -19.68 -8.06
C LEU B 311 -43.43 -19.50 -7.80
N ALA B 312 -44.20 -19.15 -8.84
CA ALA B 312 -45.64 -19.00 -8.66
C ALA B 312 -46.27 -20.27 -8.10
N GLU B 313 -45.84 -21.44 -8.59
CA GLU B 313 -46.37 -22.70 -8.06
C GLU B 313 -45.94 -22.94 -6.62
N ALA B 314 -44.73 -22.52 -6.25
CA ALA B 314 -44.25 -22.69 -4.89
C ALA B 314 -44.79 -21.63 -3.93
N GLY B 315 -45.68 -20.74 -4.39
CA GLY B 315 -46.29 -19.74 -3.54
C GLY B 315 -45.59 -18.41 -3.44
N ILE B 316 -44.45 -18.21 -4.10
CA ILE B 316 -43.69 -16.99 -3.87
C ILE B 316 -44.43 -15.83 -4.53
N THR B 317 -44.96 -14.92 -3.70
CA THR B 317 -45.50 -13.68 -4.20
C THR B 317 -44.57 -12.49 -3.99
N ASN B 318 -43.68 -12.55 -3.00
CA ASN B 318 -42.77 -11.43 -2.78
C ASN B 318 -41.63 -11.92 -1.86
N LEU B 319 -40.60 -12.50 -2.47
CA LEU B 319 -39.43 -13.01 -1.76
C LEU B 319 -38.29 -11.99 -1.75
N THR B 320 -37.69 -11.79 -0.58
CA THR B 320 -36.53 -10.91 -0.42
C THR B 320 -35.45 -11.64 0.35
N PHE B 321 -34.22 -11.62 -0.17
CA PHE B 321 -33.10 -12.24 0.53
C PHE B 321 -31.81 -11.57 0.11
N GLN B 322 -30.78 -11.76 0.94
CA GLN B 322 -29.46 -11.21 0.67
C GLN B 322 -28.52 -12.33 0.24
N LEU B 323 -27.85 -12.13 -0.89
CA LEU B 323 -26.89 -13.11 -1.39
C LEU B 323 -25.53 -12.83 -0.78
N LEU B 324 -24.96 -13.82 -0.10
CA LEU B 324 -23.58 -13.76 0.35
C LEU B 324 -22.67 -14.40 -0.71
N ALA B 325 -21.53 -13.75 -0.96
CA ALA B 325 -20.53 -14.25 -1.90
C ALA B 325 -19.14 -13.90 -1.37
N THR B 326 -18.13 -14.62 -1.86
CA THR B 326 -16.78 -14.38 -1.36
C THR B 326 -16.19 -13.16 -2.04
N ASP B 327 -14.98 -12.77 -1.65
CA ASP B 327 -14.38 -11.54 -2.15
C ASP B 327 -13.40 -11.77 -3.29
N HIS B 328 -13.37 -12.97 -3.88
CA HIS B 328 -12.53 -13.22 -5.04
C HIS B 328 -12.96 -12.37 -6.22
N ALA B 329 -11.97 -11.72 -6.86
CA ALA B 329 -12.23 -10.77 -7.92
C ALA B 329 -13.17 -11.33 -8.98
N TRP B 330 -12.91 -12.56 -9.42
CA TRP B 330 -13.77 -13.09 -10.49
C TRP B 330 -15.18 -13.37 -10.00
N VAL B 331 -15.32 -13.78 -8.74
CA VAL B 331 -16.65 -13.90 -8.15
C VAL B 331 -17.30 -12.52 -8.02
N LYS B 332 -16.53 -11.53 -7.61
CA LYS B 332 -17.08 -10.17 -7.57
C LYS B 332 -17.61 -9.73 -8.93
N GLU B 333 -17.15 -10.35 -10.01
CA GLU B 333 -17.66 -9.99 -11.32
C GLU B 333 -18.84 -10.85 -11.75
N CYS B 334 -18.89 -12.11 -11.32
CA CYS B 334 -20.10 -12.90 -11.56
C CYS B 334 -21.27 -12.34 -10.79
N ALA B 335 -21.04 -11.91 -9.54
CA ALA B 335 -22.12 -11.56 -8.64
C ALA B 335 -23.10 -10.55 -9.21
N PRO B 336 -22.68 -9.41 -9.75
CA PRO B 336 -23.66 -8.43 -10.26
C PRO B 336 -24.51 -8.97 -11.40
N LEU B 337 -23.96 -9.83 -12.26
CA LEU B 337 -24.80 -10.47 -13.27
C LEU B 337 -25.83 -11.37 -12.60
N ILE B 338 -25.37 -12.22 -11.69
CA ILE B 338 -26.27 -13.10 -10.97
C ILE B 338 -27.39 -12.30 -10.30
N LEU B 339 -27.02 -11.22 -9.62
CA LEU B 339 -28.02 -10.34 -9.01
C LEU B 339 -28.99 -9.78 -10.04
N GLU B 340 -28.47 -9.34 -11.20
CA GLU B 340 -29.32 -8.82 -12.26
C GLU B 340 -30.40 -9.82 -12.66
N SER B 341 -30.00 -11.06 -12.95
CA SER B 341 -30.96 -12.06 -13.40
C SER B 341 -32.05 -12.28 -12.35
N TRP B 342 -31.68 -12.26 -11.07
CA TRP B 342 -32.65 -12.59 -10.02
C TRP B 342 -33.61 -11.45 -9.75
N ASN B 343 -33.11 -10.20 -9.75
CA ASN B 343 -33.95 -9.05 -9.45
C ASN B 343 -35.01 -8.82 -10.51
N ALA B 344 -34.69 -9.16 -11.78
CA ALA B 344 -35.65 -9.12 -12.88
C ALA B 344 -36.79 -10.09 -12.71
N LEU B 345 -36.71 -11.02 -11.77
CA LEU B 345 -37.87 -11.84 -11.47
C LEU B 345 -38.92 -10.97 -10.79
N SER B 346 -40.18 -11.15 -11.22
CA SER B 346 -41.27 -10.36 -10.68
C SER B 346 -41.43 -10.54 -9.17
N VAL B 347 -41.11 -11.73 -8.64
CA VAL B 347 -41.42 -12.02 -7.24
C VAL B 347 -40.14 -12.11 -6.39
N VAL B 348 -39.02 -11.61 -6.89
CA VAL B 348 -37.76 -11.81 -6.18
C VAL B 348 -36.98 -10.51 -6.19
N LYS B 349 -36.62 -10.05 -4.99
CA LYS B 349 -35.70 -8.94 -4.76
C LYS B 349 -34.47 -9.50 -4.08
N VAL B 350 -33.28 -9.02 -4.47
CA VAL B 350 -32.01 -9.54 -3.96
C VAL B 350 -31.04 -8.40 -3.65
N THR B 351 -30.28 -8.52 -2.56
CA THR B 351 -29.17 -7.62 -2.26
C THR B 351 -27.90 -8.46 -2.08
N LEU B 352 -26.75 -7.81 -2.24
CA LEU B 352 -25.46 -8.51 -2.27
C LEU B 352 -24.54 -8.06 -1.17
N GLN B 353 -23.75 -9.00 -0.64
CA GLN B 353 -22.66 -8.65 0.27
C GLN B 353 -21.47 -9.59 0.08
N HIS B 354 -20.30 -9.03 -0.18
CA HIS B 354 -19.10 -9.85 -0.34
C HIS B 354 -18.38 -9.99 0.99
N LEU B 355 -17.67 -11.12 1.16
CA LEU B 355 -16.95 -11.41 2.39
C LEU B 355 -15.67 -12.21 2.11
N GLN B 356 -14.62 -11.89 2.88
CA GLN B 356 -13.48 -12.79 2.98
C GLN B 356 -13.96 -14.22 3.21
N SER B 357 -13.19 -15.18 2.70
CA SER B 357 -13.68 -16.56 2.77
C SER B 357 -13.78 -17.04 4.21
N GLY B 358 -12.70 -16.87 4.99
CA GLY B 358 -12.71 -17.35 6.37
C GLY B 358 -13.86 -16.77 7.18
N ALA B 359 -14.04 -15.45 7.10
CA ALA B 359 -15.18 -14.83 7.75
C ALA B 359 -16.50 -15.45 7.28
N LEU B 360 -16.65 -15.59 5.95
CA LEU B 360 -17.91 -16.08 5.40
C LEU B 360 -18.30 -17.43 6.00
N TYR B 361 -17.35 -18.36 6.09
CA TYR B 361 -17.70 -19.69 6.56
C TYR B 361 -17.81 -19.74 8.08
N SER B 362 -16.87 -19.13 8.80
CA SER B 362 -16.88 -19.31 10.24
C SER B 362 -17.98 -18.48 10.90
N ALA B 363 -18.29 -17.30 10.37
CA ALA B 363 -19.28 -16.43 10.98
C ALA B 363 -20.67 -16.54 10.35
N HIS B 364 -20.79 -17.15 9.17
CA HIS B 364 -22.11 -17.19 8.54
C HIS B 364 -22.52 -18.62 8.15
N VAL B 365 -21.78 -19.26 7.25
CA VAL B 365 -22.18 -20.59 6.78
C VAL B 365 -22.26 -21.56 7.94
N ASP B 366 -21.22 -21.61 8.77
CA ASP B 366 -21.11 -22.61 9.82
C ASP B 366 -22.19 -22.42 10.89
N LYS B 367 -22.69 -21.20 11.05
CA LYS B 367 -23.75 -20.96 12.02
C LYS B 367 -25.15 -21.02 11.42
N GLY B 368 -25.27 -21.10 10.10
CA GLY B 368 -26.57 -20.96 9.47
C GLY B 368 -27.09 -19.54 9.40
N ALA B 369 -26.26 -18.54 9.66
CA ALA B 369 -26.65 -17.14 9.57
C ALA B 369 -26.52 -16.70 8.11
N TYR B 370 -27.37 -17.27 7.28
CA TYR B 370 -27.37 -16.93 5.87
C TYR B 370 -28.54 -17.65 5.26
N GLU B 371 -28.89 -17.24 4.04
CA GLU B 371 -29.88 -17.94 3.24
C GLU B 371 -29.35 -18.44 1.90
N VAL B 372 -28.49 -17.67 1.23
CA VAL B 372 -28.04 -18.05 -0.11
C VAL B 372 -26.62 -17.56 -0.32
N VAL B 373 -25.77 -18.43 -0.88
CA VAL B 373 -24.35 -18.18 -1.08
C VAL B 373 -23.91 -18.61 -2.48
N ILE B 374 -23.00 -17.84 -3.08
CA ILE B 374 -22.20 -18.33 -4.20
C ILE B 374 -20.76 -18.27 -3.77
N ALA B 375 -20.00 -19.31 -4.10
CA ALA B 375 -18.62 -19.35 -3.66
C ALA B 375 -17.86 -20.29 -4.56
N PRO B 376 -16.56 -20.06 -4.75
CA PRO B 376 -15.75 -20.97 -5.55
C PRO B 376 -15.45 -22.25 -4.80
N GLY B 377 -15.23 -23.31 -5.56
CA GLY B 377 -14.88 -24.56 -4.92
C GLY B 377 -14.11 -25.53 -5.78
N ASP B 378 -13.17 -26.20 -5.20
CA ASP B 378 -12.44 -27.10 -6.05
C ASP B 378 -11.80 -28.20 -5.22
N PRO B 379 -12.57 -29.21 -4.80
CA PRO B 379 -11.98 -30.32 -4.05
C PRO B 379 -11.08 -31.22 -4.86
N SER B 380 -10.97 -31.03 -6.18
CA SER B 380 -10.06 -31.92 -6.91
C SER B 380 -8.60 -31.71 -6.51
N VAL B 381 -8.30 -30.76 -5.61
CA VAL B 381 -6.97 -30.69 -5.03
C VAL B 381 -6.67 -31.97 -4.27
N PHE B 382 -7.70 -32.75 -3.91
CA PHE B 382 -7.46 -33.98 -3.16
C PHE B 382 -7.30 -35.21 -4.04
N GLY B 383 -7.61 -35.11 -5.32
CA GLY B 383 -7.66 -36.29 -6.15
C GLY B 383 -8.77 -36.10 -7.16
N ASN B 384 -8.97 -37.08 -8.03
CA ASN B 384 -9.91 -36.89 -9.12
C ASN B 384 -11.01 -37.93 -9.20
N ASP B 385 -11.05 -38.91 -8.30
CA ASP B 385 -12.06 -39.97 -8.44
C ASP B 385 -13.44 -39.42 -8.09
N LEU B 386 -14.46 -40.02 -8.71
CA LEU B 386 -15.82 -39.50 -8.58
C LEU B 386 -16.31 -39.55 -7.12
N ASP B 387 -16.06 -40.66 -6.41
CA ASP B 387 -16.50 -40.70 -5.02
C ASP B 387 -15.88 -39.58 -4.22
N LEU B 388 -14.63 -39.21 -4.54
CA LEU B 388 -13.99 -38.14 -3.77
C LEU B 388 -14.65 -36.79 -4.04
N LEU B 389 -14.99 -36.51 -5.30
CA LEU B 389 -15.59 -35.23 -5.65
C LEU B 389 -17.01 -35.12 -5.10
N LEU B 390 -17.74 -36.24 -5.10
CA LEU B 390 -19.09 -36.23 -4.54
C LEU B 390 -19.04 -36.15 -3.02
N SER B 391 -18.10 -36.88 -2.40
CA SER B 391 -18.04 -36.94 -0.93
C SER B 391 -17.73 -35.58 -0.34
N TRP B 392 -16.89 -34.78 -0.99
CA TRP B 392 -16.50 -33.50 -0.38
C TRP B 392 -17.72 -32.71 0.07
N TRP B 393 -18.73 -32.59 -0.80
CA TRP B 393 -19.90 -31.80 -0.44
C TRP B 393 -21.06 -32.63 0.08
N TYR B 394 -21.12 -33.92 -0.28
CA TYR B 394 -22.33 -34.72 -0.11
C TYR B 394 -22.19 -35.98 0.76
N ARG B 395 -21.02 -36.31 1.27
CA ARG B 395 -20.87 -37.43 2.19
C ARG B 395 -20.83 -36.95 3.63
N GLY B 396 -21.69 -37.52 4.47
CA GLY B 396 -21.63 -37.25 5.89
C GLY B 396 -22.07 -35.87 6.34
N ASP B 397 -21.37 -35.29 7.32
CA ASP B 397 -21.88 -34.13 8.06
C ASP B 397 -21.23 -32.80 7.67
N VAL B 398 -20.01 -32.80 7.14
CA VAL B 398 -19.22 -31.57 7.07
C VAL B 398 -19.97 -30.47 6.30
N TRP B 399 -20.53 -30.80 5.15
CA TRP B 399 -21.27 -29.73 4.48
C TRP B 399 -22.78 -29.93 4.61
N PRO B 400 -23.30 -31.11 4.30
CA PRO B 400 -24.77 -31.29 4.35
C PRO B 400 -25.37 -31.05 5.74
N LYS B 401 -24.65 -31.33 6.82
CA LYS B 401 -25.25 -31.08 8.12
C LYS B 401 -24.78 -29.75 8.70
N ARG B 402 -23.48 -29.54 8.78
CA ARG B 402 -22.93 -28.36 9.45
C ARG B 402 -23.00 -27.09 8.59
N ARG B 403 -23.32 -27.20 7.29
CA ARG B 403 -23.29 -26.00 6.46
C ARG B 403 -24.60 -25.74 5.70
N PHE B 404 -24.94 -26.56 4.68
CA PHE B 404 -26.18 -26.24 3.95
C PHE B 404 -27.42 -26.98 4.46
N ARG B 405 -27.31 -27.76 5.54
CA ARG B 405 -28.43 -28.10 6.42
C ARG B 405 -29.56 -28.81 5.67
N TRP B 406 -29.17 -29.83 4.92
CA TRP B 406 -30.05 -30.63 4.10
C TRP B 406 -30.13 -32.08 4.57
N ALA B 407 -29.34 -32.47 5.59
CA ALA B 407 -29.31 -33.82 6.14
C ALA B 407 -30.58 -34.20 6.91
N ASN B 408 -31.56 -33.30 6.99
CA ASN B 408 -32.87 -33.65 7.51
C ASN B 408 -33.71 -34.39 6.50
N THR B 409 -33.44 -34.18 5.21
CA THR B 409 -34.32 -34.70 4.19
C THR B 409 -34.10 -36.19 4.01
N ALA B 410 -35.13 -36.87 3.51
CA ALA B 410 -34.96 -38.24 3.07
C ALA B 410 -34.01 -38.30 1.88
N GLU B 411 -34.15 -37.38 0.93
CA GLU B 411 -33.24 -37.34 -0.22
C GLU B 411 -31.79 -37.38 0.23
N TYR B 412 -31.44 -36.66 1.30
CA TYR B 412 -30.07 -36.73 1.78
C TYR B 412 -29.68 -38.16 2.12
N HIS B 413 -30.59 -38.92 2.71
CA HIS B 413 -30.26 -40.31 3.07
C HIS B 413 -30.27 -41.24 1.87
N GLU B 414 -31.15 -41.01 0.90
CA GLU B 414 -31.04 -41.75 -0.35
C GLU B 414 -29.66 -41.57 -0.95
N VAL B 415 -29.08 -40.36 -0.82
CA VAL B 415 -27.81 -40.07 -1.45
C VAL B 415 -26.67 -40.79 -0.72
N GLN B 416 -26.74 -40.87 0.61
CA GLN B 416 -25.71 -41.61 1.34
C GLN B 416 -25.74 -43.10 1.00
N LYS B 417 -26.93 -43.71 0.88
CA LYS B 417 -27.02 -45.11 0.48
C LYS B 417 -26.26 -45.34 -0.81
N LEU B 418 -26.58 -44.53 -1.82
CA LEU B 418 -25.95 -44.66 -3.13
C LEU B 418 -24.44 -44.49 -3.04
N LEU B 419 -23.98 -43.57 -2.19
CA LEU B 419 -22.54 -43.32 -2.03
C LEU B 419 -21.84 -44.51 -1.38
N ASP B 420 -22.38 -44.99 -0.25
CA ASP B 420 -21.88 -46.24 0.33
C ASP B 420 -21.90 -47.35 -0.69
N GLU B 421 -23.04 -47.51 -1.38
CA GLU B 421 -23.19 -48.56 -2.38
C GLU B 421 -22.06 -48.48 -3.41
N ALA B 422 -21.85 -47.30 -3.98
CA ALA B 422 -20.88 -47.11 -5.05
C ALA B 422 -19.49 -47.61 -4.66
N ILE B 423 -19.01 -47.23 -3.46
CA ILE B 423 -17.63 -47.52 -3.11
C ILE B 423 -17.48 -48.87 -2.42
N LYS B 424 -18.59 -49.51 -2.05
CA LYS B 424 -18.57 -50.88 -1.54
C LYS B 424 -18.84 -51.91 -2.62
N ASN B 425 -19.34 -51.51 -3.79
CA ASN B 425 -19.58 -52.43 -4.90
C ASN B 425 -19.02 -51.83 -6.19
N PRO B 426 -17.72 -51.85 -6.35
CA PRO B 426 -17.09 -51.43 -7.61
C PRO B 426 -17.89 -51.71 -8.88
N ALA B 427 -18.57 -52.87 -8.95
CA ALA B 427 -19.18 -53.28 -10.21
C ALA B 427 -20.45 -52.51 -10.56
N GLY B 428 -21.19 -52.03 -9.55
CA GLY B 428 -22.37 -51.23 -9.79
C GLY B 428 -22.22 -49.74 -9.50
N SER B 429 -20.97 -49.28 -9.34
CA SER B 429 -20.78 -47.92 -8.88
C SER B 429 -21.14 -46.90 -9.96
N LYS B 430 -20.81 -47.18 -11.22
CA LYS B 430 -21.16 -46.20 -12.25
C LYS B 430 -22.66 -45.93 -12.25
N VAL B 431 -23.48 -46.97 -12.10
CA VAL B 431 -24.93 -46.81 -12.08
C VAL B 431 -25.38 -46.09 -10.81
N ALA B 432 -24.72 -46.40 -9.69
CA ALA B 432 -25.10 -45.77 -8.43
C ALA B 432 -24.67 -44.31 -8.39
N TRP B 433 -23.56 -43.96 -9.01
CA TRP B 433 -23.17 -42.57 -9.03
C TRP B 433 -24.17 -41.74 -9.85
N GLN B 434 -24.69 -42.32 -10.93
CA GLN B 434 -25.63 -41.55 -11.72
C GLN B 434 -26.94 -41.36 -10.98
N LYS B 435 -27.35 -42.34 -10.18
CA LYS B 435 -28.56 -42.17 -9.38
C LYS B 435 -28.37 -41.03 -8.37
N ALA B 436 -27.29 -41.08 -7.59
CA ALA B 436 -27.03 -40.05 -6.60
C ALA B 436 -26.81 -38.68 -7.24
N ILE B 437 -26.03 -38.63 -8.33
CA ILE B 437 -25.89 -37.37 -9.06
C ILE B 437 -27.26 -36.86 -9.46
N ASN B 438 -28.12 -37.76 -9.96
CA ASN B 438 -29.40 -37.31 -10.49
C ASN B 438 -30.31 -36.77 -9.39
N ILE B 439 -30.22 -37.33 -8.17
CA ILE B 439 -30.93 -36.74 -7.05
C ILE B 439 -30.35 -35.36 -6.75
N ILE B 440 -29.02 -35.26 -6.72
CA ILE B 440 -28.40 -33.97 -6.42
C ILE B 440 -28.79 -32.94 -7.44
N ALA B 441 -28.78 -33.30 -8.72
CA ALA B 441 -29.08 -32.30 -9.75
C ALA B 441 -30.53 -31.83 -9.64
N GLU B 442 -31.43 -32.72 -9.21
CA GLU B 442 -32.85 -32.36 -9.07
C GLU B 442 -33.11 -31.57 -7.79
N GLN B 443 -32.44 -31.93 -6.68
CA GLN B 443 -32.62 -31.21 -5.42
C GLN B 443 -31.81 -29.91 -5.33
N VAL B 444 -30.72 -29.78 -6.09
CA VAL B 444 -29.78 -28.65 -5.99
C VAL B 444 -29.67 -28.02 -4.61
N PRO B 445 -29.35 -28.77 -3.55
CA PRO B 445 -28.95 -28.10 -2.30
C PRO B 445 -27.73 -27.22 -2.51
N LEU B 446 -26.67 -27.82 -3.07
CA LEU B 446 -25.44 -27.13 -3.46
C LEU B 446 -25.08 -27.71 -4.83
N TYR B 447 -24.91 -26.86 -5.83
CA TYR B 447 -24.73 -27.36 -7.18
C TYR B 447 -23.98 -26.34 -8.01
N PRO B 448 -23.20 -26.80 -8.99
CA PRO B 448 -22.38 -25.85 -9.77
C PRO B 448 -23.21 -25.00 -10.71
N ILE B 449 -22.84 -23.72 -10.78
CA ILE B 449 -23.34 -22.82 -11.80
C ILE B 449 -22.54 -22.98 -13.10
N ILE B 450 -21.21 -22.89 -13.02
CA ILE B 450 -20.32 -23.16 -14.13
C ILE B 450 -19.05 -23.80 -13.59
N HIS B 451 -18.40 -24.61 -14.43
CA HIS B 451 -16.99 -24.99 -14.26
C HIS B 451 -16.16 -24.18 -15.24
N ARG B 452 -14.88 -23.99 -14.91
CA ARG B 452 -14.08 -22.97 -15.58
C ARG B 452 -12.67 -23.47 -15.87
N LYS B 453 -12.08 -22.95 -16.97
CA LYS B 453 -10.70 -23.26 -17.29
C LYS B 453 -9.78 -22.39 -16.46
N LEU B 454 -8.64 -22.95 -16.08
CA LEU B 454 -7.77 -22.28 -15.13
C LEU B 454 -6.50 -21.81 -15.81
N PRO B 455 -6.30 -20.49 -15.97
CA PRO B 455 -5.08 -20.01 -16.65
C PRO B 455 -3.91 -19.70 -15.72
N THR B 456 -2.75 -20.28 -15.97
CA THR B 456 -1.54 -19.98 -15.19
C THR B 456 -0.50 -19.33 -16.09
N ALA B 457 0.10 -18.24 -15.61
CA ALA B 457 1.14 -17.52 -16.33
C ALA B 457 2.49 -17.79 -15.68
N TRP B 458 3.53 -17.84 -16.50
CA TRP B 458 4.88 -18.00 -15.94
C TRP B 458 5.94 -17.75 -17.00
N ASN B 459 7.11 -17.35 -16.55
CA ASN B 459 8.23 -16.98 -17.41
C ASN B 459 9.12 -18.20 -17.64
N THR B 460 9.17 -18.66 -18.89
CA THR B 460 9.78 -19.94 -19.22
C THR B 460 11.30 -19.90 -19.23
N LYS B 461 11.92 -18.72 -19.08
CA LYS B 461 13.36 -18.65 -18.96
C LYS B 461 13.84 -18.55 -17.51
N LYS B 462 12.99 -18.09 -16.59
CA LYS B 462 13.40 -17.98 -15.19
C LYS B 462 13.36 -19.32 -14.47
N LEU B 463 12.37 -20.15 -14.79
CA LEU B 463 12.10 -21.38 -14.06
C LEU B 463 12.39 -22.60 -14.93
N THR B 464 12.43 -23.77 -14.29
CA THR B 464 12.78 -25.01 -14.97
C THR B 464 11.82 -26.10 -14.53
N ASP B 465 11.04 -26.63 -15.48
CA ASP B 465 10.08 -27.72 -15.26
C ASP B 465 8.76 -27.25 -14.67
N PHE B 466 8.51 -25.94 -14.61
CA PHE B 466 7.23 -25.50 -14.09
C PHE B 466 6.11 -25.98 -15.01
N GLN B 467 5.01 -26.42 -14.41
CA GLN B 467 3.84 -26.79 -15.19
C GLN B 467 2.55 -26.36 -14.48
N PRO B 468 1.59 -25.81 -15.22
CA PRO B 468 0.35 -25.35 -14.60
C PRO B 468 -0.47 -26.51 -14.06
N LEU B 469 -1.31 -26.21 -13.06
CA LEU B 469 -2.09 -27.30 -12.47
C LEU B 469 -3.54 -27.29 -12.96
N PRO B 470 -4.20 -28.45 -12.96
CA PRO B 470 -5.65 -28.49 -13.19
C PRO B 470 -6.50 -28.12 -11.99
N THR B 471 -5.87 -27.60 -10.93
CA THR B 471 -6.55 -27.27 -9.68
C THR B 471 -6.05 -25.92 -9.19
N THR B 472 -6.75 -25.35 -8.20
CA THR B 472 -6.25 -24.16 -7.53
C THR B 472 -4.79 -24.36 -7.13
N GLY B 473 -4.14 -23.27 -6.78
CA GLY B 473 -2.77 -23.32 -6.31
C GLY B 473 -1.75 -23.25 -7.42
N LEU B 474 -0.47 -23.26 -6.98
CA LEU B 474 0.71 -23.49 -7.80
C LEU B 474 1.50 -24.64 -7.22
N SER B 475 2.36 -25.26 -8.03
CA SER B 475 3.33 -26.24 -7.54
C SER B 475 4.75 -25.87 -7.95
N PHE B 476 5.68 -26.06 -7.03
CA PHE B 476 7.09 -25.92 -7.37
C PHE B 476 7.90 -27.13 -6.93
N LEU B 477 7.24 -28.21 -6.51
CA LEU B 477 7.92 -29.49 -6.38
C LEU B 477 8.69 -29.78 -7.66
N GLY B 478 10.02 -29.81 -7.58
CA GLY B 478 10.83 -30.10 -8.73
C GLY B 478 11.02 -28.95 -9.71
N VAL B 479 10.48 -27.78 -9.42
CA VAL B 479 10.75 -26.59 -10.22
C VAL B 479 12.00 -25.92 -9.68
N GLY B 480 12.82 -25.38 -10.59
CA GLY B 480 14.06 -24.75 -10.21
C GLY B 480 14.22 -23.42 -10.92
N ARG B 481 15.08 -22.59 -10.35
CA ARG B 481 15.22 -21.24 -10.85
C ARG B 481 16.37 -21.18 -11.85
N THR B 482 16.51 -20.03 -12.53
CA THR B 482 17.66 -19.83 -13.41
C THR B 482 17.69 -18.43 -14.03
#